data_7JNN
#
_entry.id   7JNN
#
_entity_poly.entity_id   1
_entity_poly.type   'polypeptide(L)'
_entity_poly.pdbx_seq_one_letter_code
;AKHCGKHSKSWNGKCFHKKCNHWCMEKEDAKYGSCSHGDCYCYYHC
;
_entity_poly.pdbx_strand_id   A
#
# COMPACT_ATOMS: atom_id res chain seq x y z
N ALA A 1 -15.60 -9.30 -2.20
CA ALA A 1 -14.78 -8.10 -2.13
C ALA A 1 -13.51 -8.34 -2.89
N LYS A 2 -13.14 -7.38 -3.68
CA LYS A 2 -11.99 -7.48 -4.53
C LYS A 2 -10.89 -6.52 -4.07
N HIS A 3 -9.90 -7.07 -3.44
CA HIS A 3 -8.78 -6.32 -2.92
C HIS A 3 -7.57 -6.66 -3.75
N CYS A 4 -7.16 -5.75 -4.60
CA CYS A 4 -6.04 -6.00 -5.47
C CYS A 4 -4.76 -5.50 -4.82
N GLY A 5 -4.05 -6.38 -4.17
CA GLY A 5 -2.86 -5.99 -3.45
C GLY A 5 -1.62 -6.00 -4.29
N LYS A 6 -0.94 -4.89 -4.29
CA LYS A 6 0.35 -4.71 -4.96
C LYS A 6 1.39 -5.59 -4.30
N HIS A 7 2.27 -6.15 -5.09
CA HIS A 7 3.38 -6.87 -4.57
C HIS A 7 4.36 -5.86 -3.99
N SER A 8 4.49 -5.88 -2.69
CA SER A 8 5.31 -4.95 -2.01
C SER A 8 6.79 -5.25 -2.17
N LYS A 9 7.33 -4.78 -3.28
CA LYS A 9 8.74 -4.81 -3.52
C LYS A 9 9.25 -3.37 -3.48
N SER A 10 8.38 -2.50 -3.07
CA SER A 10 8.67 -1.14 -2.86
C SER A 10 9.15 -1.01 -1.42
N TRP A 11 10.44 -0.87 -1.25
CA TRP A 11 11.01 -0.82 0.05
C TRP A 11 10.77 0.55 0.68
N ASN A 12 10.45 0.53 1.93
CA ASN A 12 10.21 1.71 2.71
C ASN A 12 10.80 1.42 4.07
N GLY A 13 11.25 2.43 4.78
CA GLY A 13 11.90 2.23 6.06
C GLY A 13 11.00 1.65 7.11
N LYS A 14 10.11 2.45 7.63
CA LYS A 14 9.20 2.01 8.64
C LYS A 14 7.81 2.02 8.07
N CYS A 15 7.05 1.02 8.37
CA CYS A 15 5.71 0.93 7.87
C CYS A 15 4.72 1.60 8.84
N PHE A 16 3.90 2.47 8.29
CA PHE A 16 2.81 3.11 9.02
C PHE A 16 1.61 3.12 8.11
N HIS A 17 0.47 2.65 8.60
CA HIS A 17 -0.77 2.53 7.82
C HIS A 17 -1.13 3.83 7.10
N LYS A 18 -1.20 4.93 7.84
CA LYS A 18 -1.61 6.21 7.29
C LYS A 18 -0.64 6.67 6.20
N LYS A 19 0.64 6.57 6.48
CA LYS A 19 1.67 7.00 5.54
C LYS A 19 1.76 6.06 4.35
N CYS A 20 1.46 4.80 4.57
CA CYS A 20 1.41 3.81 3.52
C CYS A 20 0.27 4.16 2.58
N ASN A 21 -0.87 4.51 3.18
CA ASN A 21 -2.06 4.88 2.46
C ASN A 21 -1.77 6.07 1.57
N HIS A 22 -1.21 7.11 2.17
CA HIS A 22 -0.83 8.34 1.46
C HIS A 22 0.14 8.04 0.34
N TRP A 23 1.22 7.33 0.64
CA TRP A 23 2.24 7.02 -0.35
C TRP A 23 1.64 6.25 -1.51
N CYS A 24 1.00 5.14 -1.23
CA CYS A 24 0.40 4.29 -2.26
C CYS A 24 -0.59 5.07 -3.14
N MET A 25 -1.40 5.90 -2.51
CA MET A 25 -2.38 6.71 -3.22
C MET A 25 -1.68 7.66 -4.19
N GLU A 26 -0.68 8.34 -3.70
CA GLU A 26 0.08 9.32 -4.46
C GLU A 26 0.96 8.65 -5.54
N LYS A 27 1.53 7.53 -5.16
CA LYS A 27 2.47 6.77 -5.97
C LYS A 27 1.82 6.15 -7.22
N GLU A 28 0.79 5.36 -7.03
CA GLU A 28 0.21 4.60 -8.16
C GLU A 28 -1.29 4.57 -8.15
N ASP A 29 -1.88 5.59 -7.54
CA ASP A 29 -3.34 5.73 -7.39
C ASP A 29 -3.90 4.48 -6.74
N ALA A 30 -3.41 4.23 -5.57
CA ALA A 30 -3.91 3.15 -4.80
C ALA A 30 -5.05 3.66 -4.01
N LYS A 31 -5.99 2.81 -3.77
CA LYS A 31 -7.20 3.20 -3.07
C LYS A 31 -6.87 3.46 -1.64
N TYR A 32 -6.04 2.60 -1.12
CA TYR A 32 -5.62 2.65 0.23
C TYR A 32 -4.34 1.86 0.36
N GLY A 33 -3.71 1.99 1.47
CA GLY A 33 -2.51 1.27 1.75
C GLY A 33 -2.66 0.60 3.07
N SER A 34 -2.18 -0.59 3.18
CA SER A 34 -2.31 -1.33 4.39
C SER A 34 -0.97 -1.89 4.78
N CYS A 35 -0.72 -2.00 6.05
CA CYS A 35 0.52 -2.52 6.51
C CYS A 35 0.31 -3.98 6.80
N SER A 36 1.02 -4.80 6.11
CA SER A 36 0.93 -6.19 6.28
C SER A 36 2.35 -6.72 6.29
N HIS A 37 2.68 -7.48 7.32
CA HIS A 37 4.02 -8.06 7.53
C HIS A 37 5.02 -6.95 7.84
N GLY A 38 4.53 -5.77 8.17
CA GLY A 38 5.43 -4.65 8.38
C GLY A 38 5.84 -4.05 7.05
N ASP A 39 5.09 -4.37 6.02
CA ASP A 39 5.31 -3.83 4.69
C ASP A 39 4.12 -3.06 4.24
N CYS A 40 4.38 -2.08 3.42
CA CYS A 40 3.36 -1.23 2.87
C CYS A 40 2.77 -1.89 1.62
N TYR A 41 1.54 -2.32 1.72
CA TYR A 41 0.84 -2.93 0.62
C TYR A 41 -0.14 -1.95 0.03
N CYS A 42 0.02 -1.67 -1.22
CA CYS A 42 -0.85 -0.76 -1.92
C CYS A 42 -2.00 -1.55 -2.51
N TYR A 43 -3.21 -1.10 -2.31
CA TYR A 43 -4.34 -1.79 -2.85
C TYR A 43 -5.00 -1.00 -3.94
N TYR A 44 -5.16 -1.64 -5.06
CA TYR A 44 -5.76 -1.04 -6.21
C TYR A 44 -7.13 -1.65 -6.40
N HIS A 45 -7.82 -1.22 -7.40
CA HIS A 45 -9.11 -1.75 -7.70
C HIS A 45 -9.11 -2.19 -9.14
N CYS A 46 -9.13 -3.48 -9.33
CA CYS A 46 -9.10 -4.08 -10.65
C CYS A 46 -10.38 -3.78 -11.40
N ALA A 1 -16.75 -6.44 -5.82
CA ALA A 1 -15.48 -5.75 -5.86
C ALA A 1 -14.40 -6.67 -5.36
N LYS A 2 -13.21 -6.54 -5.90
CA LYS A 2 -12.09 -7.36 -5.50
C LYS A 2 -10.80 -6.55 -5.49
N HIS A 3 -10.20 -6.47 -4.34
CA HIS A 3 -8.99 -5.70 -4.15
C HIS A 3 -7.75 -6.50 -4.50
N CYS A 4 -6.82 -5.82 -5.07
CA CYS A 4 -5.57 -6.38 -5.43
C CYS A 4 -4.49 -5.63 -4.72
N GLY A 5 -3.82 -6.30 -3.83
CA GLY A 5 -2.76 -5.71 -3.11
C GLY A 5 -1.49 -5.82 -3.88
N LYS A 6 -0.95 -4.70 -4.24
CA LYS A 6 0.30 -4.65 -4.94
C LYS A 6 1.38 -4.95 -3.96
N HIS A 7 2.08 -5.99 -4.26
CA HIS A 7 3.07 -6.57 -3.42
C HIS A 7 4.19 -5.61 -3.14
N SER A 8 4.68 -5.67 -1.93
CA SER A 8 5.76 -4.85 -1.52
C SER A 8 7.05 -5.31 -2.18
N LYS A 9 7.91 -4.38 -2.44
CA LYS A 9 9.20 -4.65 -3.05
C LYS A 9 10.18 -5.04 -1.95
N SER A 10 9.72 -4.83 -0.71
CA SER A 10 10.51 -5.00 0.49
C SER A 10 11.53 -3.87 0.59
N TRP A 11 12.27 -3.81 1.68
CA TRP A 11 13.29 -2.79 1.92
C TRP A 11 12.69 -1.41 2.10
N ASN A 12 11.40 -1.35 2.44
CA ASN A 12 10.78 -0.07 2.71
C ASN A 12 11.34 0.51 3.98
N GLY A 13 11.70 1.80 3.93
CA GLY A 13 12.33 2.47 5.06
C GLY A 13 11.54 2.32 6.33
N LYS A 14 10.27 2.53 6.24
CA LYS A 14 9.37 2.28 7.31
C LYS A 14 8.04 1.94 6.72
N CYS A 15 7.42 0.95 7.24
CA CYS A 15 6.12 0.59 6.84
C CYS A 15 5.12 1.47 7.55
N PHE A 16 4.83 2.60 6.94
CA PHE A 16 3.88 3.54 7.47
C PHE A 16 2.48 3.06 7.21
N HIS A 17 1.57 3.41 8.07
CA HIS A 17 0.21 3.06 7.86
C HIS A 17 -0.47 4.19 7.07
N LYS A 18 -0.73 5.31 7.75
CA LYS A 18 -1.47 6.40 7.15
C LYS A 18 -0.64 7.13 6.08
N LYS A 19 0.63 7.36 6.36
CA LYS A 19 1.50 8.07 5.42
C LYS A 19 1.64 7.30 4.10
N CYS A 20 1.85 6.00 4.20
CA CYS A 20 2.02 5.15 3.01
C CYS A 20 0.67 4.99 2.32
N ASN A 21 -0.39 4.95 3.13
CA ASN A 21 -1.76 4.87 2.62
C ASN A 21 -2.05 6.05 1.72
N HIS A 22 -1.80 7.25 2.22
CA HIS A 22 -2.04 8.47 1.46
C HIS A 22 -1.08 8.61 0.31
N TRP A 23 0.15 8.10 0.49
CA TRP A 23 1.14 8.09 -0.56
C TRP A 23 0.61 7.28 -1.75
N CYS A 24 0.33 6.02 -1.51
CA CYS A 24 -0.19 5.13 -2.55
C CYS A 24 -1.49 5.63 -3.14
N MET A 25 -2.38 6.12 -2.28
CA MET A 25 -3.70 6.59 -2.69
C MET A 25 -3.62 7.75 -3.68
N GLU A 26 -2.56 8.52 -3.60
CA GLU A 26 -2.42 9.65 -4.49
C GLU A 26 -1.40 9.36 -5.60
N LYS A 27 -0.27 8.79 -5.22
CA LYS A 27 0.83 8.55 -6.15
C LYS A 27 0.48 7.50 -7.18
N GLU A 28 -0.12 6.41 -6.75
CA GLU A 28 -0.47 5.34 -7.67
C GLU A 28 -1.98 5.19 -7.77
N ASP A 29 -2.68 6.05 -7.02
CA ASP A 29 -4.15 6.07 -6.94
C ASP A 29 -4.70 4.79 -6.38
N ALA A 30 -4.13 4.36 -5.27
CA ALA A 30 -4.60 3.19 -4.57
C ALA A 30 -5.83 3.54 -3.78
N LYS A 31 -6.55 2.55 -3.33
CA LYS A 31 -7.70 2.79 -2.51
C LYS A 31 -7.25 2.91 -1.07
N TYR A 32 -6.37 2.02 -0.67
CA TYR A 32 -5.82 2.05 0.67
C TYR A 32 -4.51 1.31 0.72
N GLY A 33 -3.64 1.75 1.60
CA GLY A 33 -2.38 1.12 1.85
C GLY A 33 -2.40 0.54 3.23
N SER A 34 -1.89 -0.64 3.39
CA SER A 34 -1.90 -1.30 4.67
C SER A 34 -0.53 -1.88 4.98
N CYS A 35 -0.23 -2.01 6.25
CA CYS A 35 1.04 -2.52 6.68
C CYS A 35 0.91 -3.98 6.97
N SER A 36 1.55 -4.77 6.17
CA SER A 36 1.48 -6.18 6.31
C SER A 36 2.86 -6.73 6.61
N HIS A 37 3.07 -7.16 7.84
CA HIS A 37 4.29 -7.85 8.28
C HIS A 37 5.53 -6.93 8.22
N GLY A 38 5.31 -5.62 8.17
CA GLY A 38 6.43 -4.69 8.07
C GLY A 38 6.64 -4.20 6.65
N ASP A 39 5.75 -4.58 5.78
CA ASP A 39 5.78 -4.18 4.39
C ASP A 39 4.50 -3.49 4.02
N CYS A 40 4.60 -2.40 3.31
CA CYS A 40 3.42 -1.65 2.91
C CYS A 40 2.85 -2.22 1.62
N TYR A 41 1.61 -2.65 1.70
CA TYR A 41 0.88 -3.19 0.56
C TYR A 41 -0.25 -2.25 0.22
N CYS A 42 -0.28 -1.81 -1.00
CA CYS A 42 -1.28 -0.89 -1.44
C CYS A 42 -2.30 -1.60 -2.32
N TYR A 43 -3.56 -1.43 -1.99
CA TYR A 43 -4.63 -2.14 -2.64
C TYR A 43 -5.36 -1.30 -3.67
N TYR A 44 -5.52 -1.90 -4.83
CA TYR A 44 -6.20 -1.31 -5.97
C TYR A 44 -7.33 -2.25 -6.33
N HIS A 45 -8.15 -1.88 -7.26
CA HIS A 45 -9.19 -2.76 -7.72
C HIS A 45 -8.84 -3.29 -9.09
N CYS A 46 -8.88 -4.59 -9.26
CA CYS A 46 -8.68 -5.17 -10.55
C CYS A 46 -10.03 -5.40 -11.20
N ALA A 1 -16.91 -5.29 -5.65
CA ALA A 1 -15.64 -4.68 -5.34
C ALA A 1 -14.68 -5.75 -4.91
N LYS A 2 -13.54 -5.82 -5.55
CA LYS A 2 -12.53 -6.77 -5.23
C LYS A 2 -11.20 -6.04 -5.09
N HIS A 3 -10.81 -5.84 -3.88
CA HIS A 3 -9.57 -5.21 -3.61
C HIS A 3 -8.49 -6.24 -3.59
N CYS A 4 -7.40 -5.91 -4.16
CA CYS A 4 -6.34 -6.83 -4.39
C CYS A 4 -5.04 -6.31 -3.84
N GLY A 5 -4.47 -7.02 -2.90
CA GLY A 5 -3.20 -6.65 -2.34
C GLY A 5 -2.10 -7.13 -3.23
N LYS A 6 -1.34 -6.21 -3.76
CA LYS A 6 -0.27 -6.55 -4.64
C LYS A 6 1.04 -6.33 -3.97
N HIS A 7 2.08 -6.79 -4.62
CA HIS A 7 3.41 -6.58 -4.16
C HIS A 7 3.74 -5.11 -4.39
N SER A 8 4.27 -4.46 -3.42
CA SER A 8 4.56 -3.06 -3.50
C SER A 8 5.82 -2.84 -4.35
N LYS A 9 5.97 -1.66 -4.90
CA LYS A 9 7.13 -1.34 -5.72
C LYS A 9 7.89 -0.18 -5.11
N SER A 10 7.27 0.47 -4.17
CA SER A 10 7.83 1.56 -3.45
C SER A 10 7.46 1.35 -1.99
N TRP A 11 8.46 1.26 -1.15
CA TRP A 11 8.25 0.92 0.25
C TRP A 11 8.73 2.05 1.13
N ASN A 12 8.05 2.26 2.21
CA ASN A 12 8.46 3.26 3.20
C ASN A 12 9.47 2.56 4.13
N GLY A 13 10.29 3.32 4.83
CA GLY A 13 11.31 2.74 5.71
C GLY A 13 10.75 1.91 6.86
N LYS A 14 9.54 2.19 7.20
CA LYS A 14 8.82 1.48 8.22
C LYS A 14 7.39 1.43 7.76
N CYS A 15 6.62 0.49 8.21
CA CYS A 15 5.27 0.47 7.78
C CYS A 15 4.45 1.45 8.60
N PHE A 16 4.54 2.69 8.21
CA PHE A 16 3.68 3.69 8.71
C PHE A 16 2.42 3.57 7.89
N HIS A 17 1.40 2.96 8.45
CA HIS A 17 0.20 2.61 7.71
C HIS A 17 -0.46 3.80 7.01
N LYS A 18 -0.68 4.87 7.74
CA LYS A 18 -1.37 6.04 7.21
C LYS A 18 -0.48 6.78 6.21
N LYS A 19 0.80 6.84 6.53
CA LYS A 19 1.76 7.51 5.68
C LYS A 19 2.01 6.74 4.39
N CYS A 20 2.30 5.47 4.52
CA CYS A 20 2.60 4.64 3.36
C CYS A 20 1.35 4.46 2.51
N ASN A 21 0.18 4.55 3.17
CA ASN A 21 -1.11 4.52 2.50
C ASN A 21 -1.14 5.60 1.44
N HIS A 22 -0.97 6.84 1.87
CA HIS A 22 -1.04 7.98 0.97
C HIS A 22 0.16 8.07 0.06
N TRP A 23 1.30 7.56 0.53
CA TRP A 23 2.50 7.49 -0.28
C TRP A 23 2.22 6.64 -1.50
N CYS A 24 1.79 5.41 -1.28
CA CYS A 24 1.53 4.49 -2.37
C CYS A 24 0.30 4.92 -3.16
N MET A 25 -0.63 5.57 -2.48
CA MET A 25 -1.85 6.07 -3.10
C MET A 25 -1.54 7.10 -4.17
N GLU A 26 -0.54 7.92 -3.93
CA GLU A 26 -0.15 8.89 -4.91
C GLU A 26 0.83 8.27 -5.89
N LYS A 27 1.76 7.51 -5.36
CA LYS A 27 2.82 6.84 -6.11
C LYS A 27 2.25 5.94 -7.23
N GLU A 28 1.44 4.97 -6.83
CA GLU A 28 0.96 3.94 -7.73
C GLU A 28 -0.56 3.90 -7.84
N ASP A 29 -1.23 4.95 -7.33
CA ASP A 29 -2.73 5.04 -7.30
C ASP A 29 -3.30 3.86 -6.49
N ALA A 30 -2.58 3.47 -5.46
CA ALA A 30 -3.05 2.42 -4.60
C ALA A 30 -4.29 2.89 -3.90
N LYS A 31 -5.22 2.00 -3.73
CA LYS A 31 -6.47 2.34 -3.09
C LYS A 31 -6.19 2.62 -1.65
N TYR A 32 -5.36 1.78 -1.08
CA TYR A 32 -4.96 1.91 0.28
C TYR A 32 -3.73 1.04 0.55
N GLY A 33 -2.76 1.60 1.21
CA GLY A 33 -1.61 0.86 1.63
C GLY A 33 -1.82 0.43 3.05
N SER A 34 -1.52 -0.80 3.34
CA SER A 34 -1.75 -1.32 4.65
C SER A 34 -0.58 -2.18 5.09
N CYS A 35 -0.42 -2.31 6.38
CA CYS A 35 0.63 -3.11 6.93
C CYS A 35 0.26 -4.56 6.95
N SER A 36 1.02 -5.32 6.27
CA SER A 36 0.87 -6.72 6.21
C SER A 36 2.25 -7.32 6.41
N HIS A 37 2.40 -8.09 7.49
CA HIS A 37 3.68 -8.75 7.91
C HIS A 37 4.66 -7.72 8.47
N GLY A 38 4.21 -6.49 8.60
CA GLY A 38 5.10 -5.41 8.99
C GLY A 38 5.55 -4.65 7.77
N ASP A 39 5.17 -5.13 6.62
CA ASP A 39 5.48 -4.49 5.37
C ASP A 39 4.32 -3.72 4.87
N CYS A 40 4.60 -2.76 4.08
CA CYS A 40 3.57 -1.97 3.49
C CYS A 40 3.17 -2.61 2.19
N TYR A 41 1.94 -3.03 2.12
CA TYR A 41 1.42 -3.60 0.92
C TYR A 41 0.38 -2.70 0.34
N CYS A 42 0.48 -2.51 -0.93
CA CYS A 42 -0.43 -1.67 -1.64
C CYS A 42 -1.61 -2.46 -2.16
N TYR A 43 -2.77 -2.10 -1.72
CA TYR A 43 -3.98 -2.73 -2.12
C TYR A 43 -4.64 -1.92 -3.20
N TYR A 44 -4.93 -2.58 -4.29
CA TYR A 44 -5.52 -1.95 -5.43
C TYR A 44 -6.90 -2.57 -5.60
N HIS A 45 -7.54 -2.29 -6.68
CA HIS A 45 -8.81 -2.87 -6.98
C HIS A 45 -8.69 -3.62 -8.30
N CYS A 46 -9.20 -4.82 -8.34
CA CYS A 46 -9.23 -5.56 -9.57
C CYS A 46 -10.52 -5.25 -10.31
N ALA A 1 -16.01 -4.38 -1.58
CA ALA A 1 -15.32 -3.70 -2.67
C ALA A 1 -14.19 -4.57 -3.15
N LYS A 2 -13.74 -4.35 -4.37
CA LYS A 2 -12.74 -5.17 -4.97
C LYS A 2 -11.34 -4.65 -4.63
N HIS A 3 -10.65 -5.38 -3.79
CA HIS A 3 -9.33 -5.02 -3.35
C HIS A 3 -8.33 -6.13 -3.64
N CYS A 4 -7.15 -5.75 -3.97
CA CYS A 4 -6.07 -6.64 -4.31
C CYS A 4 -4.79 -6.14 -3.70
N GLY A 5 -4.16 -6.96 -2.89
CA GLY A 5 -2.94 -6.55 -2.26
C GLY A 5 -1.73 -6.98 -3.05
N LYS A 6 -1.03 -6.03 -3.61
CA LYS A 6 0.16 -6.30 -4.37
C LYS A 6 1.38 -5.89 -3.60
N HIS A 7 2.49 -6.55 -3.85
CA HIS A 7 3.73 -6.23 -3.19
C HIS A 7 4.21 -4.89 -3.70
N SER A 8 4.47 -4.01 -2.80
CA SER A 8 4.88 -2.67 -3.13
C SER A 8 6.29 -2.66 -3.70
N LYS A 9 6.42 -2.25 -4.95
CA LYS A 9 7.73 -2.16 -5.56
C LYS A 9 8.43 -0.88 -5.09
N SER A 10 7.65 0.00 -4.51
CA SER A 10 8.18 1.17 -3.88
C SER A 10 8.71 0.70 -2.52
N TRP A 11 9.84 1.22 -2.11
CA TRP A 11 10.43 0.82 -0.87
C TRP A 11 9.77 1.52 0.30
N ASN A 12 8.61 1.01 0.65
CA ASN A 12 7.82 1.50 1.75
C ASN A 12 7.69 0.39 2.76
N GLY A 13 8.75 0.20 3.52
CA GLY A 13 8.80 -0.83 4.49
C GLY A 13 8.62 -0.31 5.88
N LYS A 14 8.53 0.99 6.02
CA LYS A 14 8.28 1.53 7.31
C LYS A 14 6.80 1.47 7.56
N CYS A 15 6.46 0.70 8.50
CA CYS A 15 5.10 0.32 8.75
C CYS A 15 4.31 1.35 9.56
N PHE A 16 3.55 2.16 8.84
CA PHE A 16 2.61 3.13 9.41
C PHE A 16 1.45 3.23 8.46
N HIS A 17 0.29 2.71 8.84
CA HIS A 17 -0.91 2.68 8.00
C HIS A 17 -1.20 4.04 7.36
N LYS A 18 -1.20 5.09 8.17
CA LYS A 18 -1.48 6.45 7.71
C LYS A 18 -0.49 6.89 6.62
N LYS A 19 0.78 6.59 6.85
CA LYS A 19 1.83 6.98 5.93
C LYS A 19 1.72 6.21 4.63
N CYS A 20 1.68 4.90 4.77
CA CYS A 20 1.68 3.98 3.65
C CYS A 20 0.45 4.16 2.76
N ASN A 21 -0.68 4.43 3.39
CA ASN A 21 -1.94 4.66 2.69
C ASN A 21 -1.79 5.79 1.71
N HIS A 22 -1.44 6.95 2.24
CA HIS A 22 -1.32 8.15 1.43
C HIS A 22 -0.11 8.11 0.52
N TRP A 23 0.93 7.36 0.92
CA TRP A 23 2.10 7.20 0.08
C TRP A 23 1.74 6.50 -1.20
N CYS A 24 1.25 5.28 -1.09
CA CYS A 24 0.99 4.49 -2.27
C CYS A 24 -0.18 5.07 -3.06
N MET A 25 -1.14 5.69 -2.36
CA MET A 25 -2.30 6.31 -3.01
C MET A 25 -1.85 7.43 -3.96
N GLU A 26 -0.85 8.17 -3.56
CA GLU A 26 -0.36 9.28 -4.36
C GLU A 26 0.78 8.82 -5.30
N LYS A 27 1.58 7.90 -4.84
CA LYS A 27 2.74 7.43 -5.59
C LYS A 27 2.32 6.54 -6.77
N GLU A 28 1.66 5.44 -6.50
CA GLU A 28 1.30 4.49 -7.55
C GLU A 28 -0.20 4.37 -7.72
N ASP A 29 -0.89 5.33 -7.15
CA ASP A 29 -2.35 5.45 -7.24
C ASP A 29 -3.07 4.19 -6.83
N ALA A 30 -2.82 3.78 -5.61
CA ALA A 30 -3.47 2.65 -5.05
C ALA A 30 -4.77 3.08 -4.40
N LYS A 31 -5.61 2.13 -4.12
CA LYS A 31 -6.87 2.42 -3.46
C LYS A 31 -6.58 2.74 -2.01
N TYR A 32 -5.64 2.00 -1.46
CA TYR A 32 -5.14 2.22 -0.12
C TYR A 32 -3.86 1.43 0.06
N GLY A 33 -3.13 1.76 1.07
CA GLY A 33 -1.94 1.04 1.42
C GLY A 33 -2.05 0.58 2.85
N SER A 34 -1.64 -0.63 3.12
CA SER A 34 -1.74 -1.14 4.47
C SER A 34 -0.54 -2.00 4.81
N CYS A 35 -0.23 -2.06 6.07
CA CYS A 35 0.92 -2.76 6.54
C CYS A 35 0.66 -4.25 6.69
N SER A 36 1.43 -5.01 5.98
CA SER A 36 1.39 -6.42 6.00
C SER A 36 2.79 -6.91 6.40
N HIS A 37 2.88 -7.54 7.57
CA HIS A 37 4.13 -8.18 8.07
C HIS A 37 5.27 -7.16 8.31
N GLY A 38 4.95 -5.90 8.40
CA GLY A 38 5.97 -4.91 8.62
C GLY A 38 6.43 -4.25 7.35
N ASP A 39 5.65 -4.41 6.30
CA ASP A 39 5.86 -3.75 5.01
C ASP A 39 4.54 -3.22 4.60
N CYS A 40 4.49 -2.20 3.83
CA CYS A 40 3.22 -1.70 3.43
C CYS A 40 2.90 -2.09 2.02
N TYR A 41 1.84 -2.85 1.86
CA TYR A 41 1.42 -3.34 0.58
C TYR A 41 0.40 -2.41 -0.03
N CYS A 42 0.38 -2.40 -1.33
CA CYS A 42 -0.49 -1.54 -2.07
C CYS A 42 -1.70 -2.29 -2.54
N TYR A 43 -2.85 -1.78 -2.21
CA TYR A 43 -4.06 -2.42 -2.56
C TYR A 43 -4.73 -1.70 -3.71
N TYR A 44 -4.91 -2.41 -4.78
CA TYR A 44 -5.51 -1.91 -6.00
C TYR A 44 -6.67 -2.83 -6.32
N HIS A 45 -7.08 -2.87 -7.57
CA HIS A 45 -8.02 -3.86 -8.03
C HIS A 45 -7.29 -4.79 -9.02
N CYS A 46 -7.54 -6.06 -8.93
CA CYS A 46 -6.94 -7.03 -9.80
C CYS A 46 -8.03 -7.94 -10.34
N ALA A 1 -15.47 -4.98 -5.40
CA ALA A 1 -14.43 -5.39 -6.34
C ALA A 1 -13.41 -6.20 -5.58
N LYS A 2 -12.42 -6.74 -6.25
CA LYS A 2 -11.40 -7.50 -5.59
C LYS A 2 -10.13 -6.69 -5.49
N HIS A 3 -9.47 -6.80 -4.37
CA HIS A 3 -8.32 -5.98 -4.08
C HIS A 3 -7.01 -6.63 -4.44
N CYS A 4 -6.26 -5.91 -5.21
CA CYS A 4 -4.94 -6.30 -5.60
C CYS A 4 -3.94 -5.56 -4.74
N GLY A 5 -3.31 -6.28 -3.83
CA GLY A 5 -2.37 -5.66 -2.93
C GLY A 5 -0.99 -5.58 -3.51
N LYS A 6 -0.37 -4.43 -3.37
CA LYS A 6 0.98 -4.22 -3.83
C LYS A 6 1.93 -4.88 -2.90
N HIS A 7 2.62 -5.83 -3.42
CA HIS A 7 3.55 -6.62 -2.69
C HIS A 7 4.83 -5.86 -2.43
N SER A 8 5.47 -6.18 -1.34
CA SER A 8 6.66 -5.52 -0.95
C SER A 8 7.85 -6.08 -1.72
N LYS A 9 8.04 -5.59 -2.92
CA LYS A 9 9.16 -6.01 -3.74
C LYS A 9 10.26 -4.97 -3.74
N SER A 10 9.95 -3.79 -4.19
CA SER A 10 10.94 -2.74 -4.29
C SER A 10 10.63 -1.59 -3.32
N TRP A 11 9.76 -1.83 -2.38
CA TRP A 11 9.34 -0.79 -1.47
C TRP A 11 9.73 -1.16 -0.05
N ASN A 12 10.86 -0.67 0.37
CA ASN A 12 11.36 -0.97 1.70
C ASN A 12 11.40 0.26 2.55
N GLY A 13 11.35 0.06 3.83
CA GLY A 13 11.38 1.13 4.76
C GLY A 13 10.53 0.77 5.95
N LYS A 14 10.18 1.75 6.72
CA LYS A 14 9.34 1.53 7.86
C LYS A 14 7.88 1.58 7.42
N CYS A 15 7.08 0.74 7.99
CA CYS A 15 5.70 0.69 7.64
C CYS A 15 4.92 1.78 8.35
N PHE A 16 4.74 2.87 7.67
CA PHE A 16 3.95 3.96 8.16
C PHE A 16 2.56 3.80 7.61
N HIS A 17 1.63 3.40 8.45
CA HIS A 17 0.25 3.13 8.05
C HIS A 17 -0.36 4.28 7.24
N LYS A 18 -0.40 5.46 7.82
CA LYS A 18 -1.02 6.59 7.18
C LYS A 18 -0.17 7.11 6.03
N LYS A 19 1.14 7.15 6.23
CA LYS A 19 2.04 7.68 5.20
C LYS A 19 2.08 6.80 3.97
N CYS A 20 2.14 5.49 4.16
CA CYS A 20 2.11 4.57 3.02
C CYS A 20 0.74 4.59 2.37
N ASN A 21 -0.32 4.71 3.20
CA ASN A 21 -1.68 4.80 2.68
C ASN A 21 -1.79 5.95 1.71
N HIS A 22 -1.41 7.14 2.17
CA HIS A 22 -1.52 8.33 1.35
C HIS A 22 -0.53 8.37 0.20
N TRP A 23 0.65 7.78 0.40
CA TRP A 23 1.68 7.70 -0.65
C TRP A 23 1.06 6.98 -1.83
N CYS A 24 0.52 5.83 -1.55
CA CYS A 24 -0.10 4.99 -2.52
C CYS A 24 -1.41 5.60 -3.03
N MET A 25 -2.23 6.10 -2.14
CA MET A 25 -3.53 6.69 -2.49
C MET A 25 -3.37 7.89 -3.43
N GLU A 26 -2.44 8.75 -3.11
CA GLU A 26 -2.22 9.95 -3.90
C GLU A 26 -1.42 9.65 -5.18
N LYS A 27 -0.24 9.07 -5.02
CA LYS A 27 0.65 8.87 -6.16
C LYS A 27 0.30 7.65 -7.03
N GLU A 28 -0.12 6.57 -6.43
CA GLU A 28 -0.37 5.36 -7.22
C GLU A 28 -1.85 5.16 -7.44
N ASP A 29 -2.63 6.06 -6.85
CA ASP A 29 -4.09 5.98 -6.85
C ASP A 29 -4.56 4.63 -6.33
N ALA A 30 -4.10 4.32 -5.15
CA ALA A 30 -4.50 3.12 -4.47
C ALA A 30 -5.72 3.41 -3.68
N LYS A 31 -6.47 2.40 -3.38
CA LYS A 31 -7.66 2.57 -2.60
C LYS A 31 -7.27 2.81 -1.17
N TYR A 32 -6.52 1.87 -0.63
CA TYR A 32 -6.04 1.97 0.72
C TYR A 32 -4.73 1.24 0.88
N GLY A 33 -3.84 1.85 1.61
CA GLY A 33 -2.60 1.23 1.93
C GLY A 33 -2.61 0.80 3.36
N SER A 34 -2.51 -0.47 3.58
CA SER A 34 -2.55 -1.01 4.90
C SER A 34 -1.19 -1.61 5.23
N CYS A 35 -1.00 -2.00 6.44
CA CYS A 35 0.25 -2.58 6.81
C CYS A 35 0.07 -4.05 7.01
N SER A 36 0.84 -4.81 6.31
CA SER A 36 0.80 -6.22 6.38
C SER A 36 2.09 -6.72 7.00
N HIS A 37 2.05 -7.00 8.29
CA HIS A 37 3.18 -7.57 9.05
C HIS A 37 4.47 -6.76 8.91
N GLY A 38 4.34 -5.45 8.82
CA GLY A 38 5.50 -4.61 8.74
C GLY A 38 5.79 -4.09 7.34
N ASP A 39 4.99 -4.50 6.37
CA ASP A 39 5.17 -4.02 5.01
C ASP A 39 3.94 -3.29 4.53
N CYS A 40 4.15 -2.23 3.79
CA CYS A 40 3.06 -1.40 3.32
C CYS A 40 2.41 -2.02 2.08
N TYR A 41 1.18 -2.47 2.23
CA TYR A 41 0.44 -3.07 1.15
C TYR A 41 -0.64 -2.15 0.65
N CYS A 42 -0.46 -1.71 -0.55
CA CYS A 42 -1.35 -0.78 -1.18
C CYS A 42 -2.29 -1.51 -2.09
N TYR A 43 -3.54 -1.45 -1.76
CA TYR A 43 -4.56 -2.20 -2.46
C TYR A 43 -5.19 -1.38 -3.55
N TYR A 44 -5.19 -1.94 -4.71
CA TYR A 44 -5.81 -1.37 -5.88
C TYR A 44 -6.92 -2.31 -6.27
N HIS A 45 -7.69 -1.95 -7.25
CA HIS A 45 -8.67 -2.88 -7.75
C HIS A 45 -8.05 -3.67 -8.89
N CYS A 46 -8.24 -4.95 -8.85
CA CYS A 46 -7.81 -5.83 -9.90
C CYS A 46 -8.64 -5.56 -11.14
N ALA A 1 -16.12 -4.03 -6.37
CA ALA A 1 -14.90 -4.69 -6.78
C ALA A 1 -14.20 -5.23 -5.55
N LYS A 2 -13.26 -6.12 -5.75
CA LYS A 2 -12.52 -6.71 -4.67
C LYS A 2 -11.23 -5.95 -4.52
N HIS A 3 -10.68 -5.92 -3.32
CA HIS A 3 -9.40 -5.30 -3.12
C HIS A 3 -8.34 -6.11 -3.80
N CYS A 4 -7.61 -5.46 -4.60
CA CYS A 4 -6.62 -6.07 -5.39
C CYS A 4 -5.29 -5.80 -4.74
N GLY A 5 -4.75 -6.80 -4.12
CA GLY A 5 -3.52 -6.65 -3.42
C GLY A 5 -2.35 -6.89 -4.31
N LYS A 6 -1.44 -5.96 -4.33
CA LYS A 6 -0.26 -6.10 -5.08
C LYS A 6 0.92 -6.21 -4.15
N HIS A 7 1.70 -7.22 -4.34
CA HIS A 7 2.87 -7.47 -3.55
C HIS A 7 3.90 -6.41 -3.95
N SER A 8 4.30 -5.60 -3.03
CA SER A 8 5.16 -4.50 -3.33
C SER A 8 6.56 -4.71 -2.74
N LYS A 9 7.48 -3.90 -3.22
CA LYS A 9 8.83 -3.84 -2.74
C LYS A 9 8.85 -2.90 -1.53
N SER A 10 7.75 -2.16 -1.38
CA SER A 10 7.48 -1.26 -0.27
C SER A 10 8.33 0.02 -0.36
N TRP A 11 8.05 0.92 0.55
CA TRP A 11 8.76 2.16 0.67
C TRP A 11 9.84 1.95 1.70
N ASN A 12 11.07 2.15 1.31
CA ASN A 12 12.19 1.97 2.19
C ASN A 12 12.17 3.01 3.29
N GLY A 13 11.96 2.53 4.48
CA GLY A 13 11.86 3.36 5.64
C GLY A 13 11.07 2.62 6.67
N LYS A 14 10.41 3.33 7.53
CA LYS A 14 9.59 2.69 8.53
C LYS A 14 8.17 2.61 7.99
N CYS A 15 7.55 1.47 8.13
CA CYS A 15 6.21 1.27 7.64
C CYS A 15 5.16 1.66 8.69
N PHE A 16 4.23 2.48 8.29
CA PHE A 16 3.09 2.88 9.09
C PHE A 16 1.86 2.73 8.20
N HIS A 17 0.76 2.28 8.75
CA HIS A 17 -0.45 1.97 7.96
C HIS A 17 -0.98 3.20 7.21
N LYS A 18 -1.22 4.27 7.93
CA LYS A 18 -1.80 5.47 7.36
C LYS A 18 -0.86 6.10 6.32
N LYS A 19 0.43 6.12 6.64
CA LYS A 19 1.43 6.65 5.72
C LYS A 19 1.56 5.78 4.49
N CYS A 20 1.40 4.49 4.69
CA CYS A 20 1.45 3.52 3.62
C CYS A 20 0.28 3.76 2.66
N ASN A 21 -0.87 4.06 3.25
CA ASN A 21 -2.08 4.41 2.52
C ASN A 21 -1.83 5.59 1.59
N HIS A 22 -1.31 6.67 2.16
CA HIS A 22 -1.03 7.88 1.38
C HIS A 22 0.05 7.63 0.36
N TRP A 23 1.06 6.85 0.73
CA TRP A 23 2.14 6.51 -0.18
C TRP A 23 1.60 5.81 -1.40
N CYS A 24 0.95 4.67 -1.21
CA CYS A 24 0.41 3.91 -2.32
C CYS A 24 -0.57 4.72 -3.16
N MET A 25 -1.41 5.51 -2.49
CA MET A 25 -2.41 6.31 -3.17
C MET A 25 -1.79 7.42 -4.01
N GLU A 26 -0.81 8.10 -3.48
CA GLU A 26 -0.15 9.21 -4.17
C GLU A 26 0.87 8.68 -5.20
N LYS A 27 1.54 7.61 -4.86
CA LYS A 27 2.61 7.06 -5.69
C LYS A 27 2.09 6.31 -6.91
N GLU A 28 1.18 5.37 -6.73
CA GLU A 28 0.78 4.52 -7.86
C GLU A 28 -0.71 4.56 -8.10
N ASP A 29 -1.37 5.49 -7.45
CA ASP A 29 -2.83 5.58 -7.40
C ASP A 29 -3.44 4.26 -6.96
N ALA A 30 -3.28 4.01 -5.73
CA ALA A 30 -3.91 2.90 -5.11
C ALA A 30 -5.08 3.43 -4.36
N LYS A 31 -5.93 2.56 -3.91
CA LYS A 31 -7.09 2.99 -3.17
C LYS A 31 -6.70 3.22 -1.75
N TYR A 32 -5.79 2.40 -1.30
CA TYR A 32 -5.25 2.48 0.02
C TYR A 32 -4.02 1.61 0.08
N GLY A 33 -3.38 1.61 1.20
CA GLY A 33 -2.23 0.82 1.40
C GLY A 33 -2.32 0.21 2.74
N SER A 34 -1.67 -0.88 2.95
CA SER A 34 -1.70 -1.51 4.23
C SER A 34 -0.35 -2.07 4.54
N CYS A 35 0.02 -1.98 5.78
CA CYS A 35 1.28 -2.47 6.21
C CYS A 35 1.11 -3.94 6.56
N SER A 36 1.81 -4.77 5.86
CA SER A 36 1.73 -6.18 6.03
C SER A 36 3.07 -6.69 6.49
N HIS A 37 3.13 -7.11 7.76
CA HIS A 37 4.34 -7.68 8.39
C HIS A 37 5.46 -6.64 8.50
N GLY A 38 5.11 -5.38 8.30
CA GLY A 38 6.09 -4.34 8.35
C GLY A 38 6.46 -3.81 6.97
N ASP A 39 5.77 -4.27 5.94
CA ASP A 39 6.04 -3.78 4.58
C ASP A 39 4.78 -3.23 3.96
N CYS A 40 4.93 -2.31 3.05
CA CYS A 40 3.81 -1.72 2.34
C CYS A 40 3.32 -2.57 1.21
N TYR A 41 2.03 -2.81 1.23
CA TYR A 41 1.33 -3.49 0.18
C TYR A 41 0.21 -2.58 -0.27
N CYS A 42 0.16 -2.33 -1.54
CA CYS A 42 -0.79 -1.40 -2.09
C CYS A 42 -2.02 -2.13 -2.60
N TYR A 43 -3.19 -1.59 -2.32
CA TYR A 43 -4.42 -2.21 -2.73
C TYR A 43 -5.18 -1.35 -3.72
N TYR A 44 -5.56 -1.98 -4.78
CA TYR A 44 -6.29 -1.36 -5.87
C TYR A 44 -7.63 -2.04 -5.95
N HIS A 45 -8.44 -1.69 -6.93
CA HIS A 45 -9.70 -2.39 -7.15
C HIS A 45 -9.57 -3.41 -8.30
N CYS A 46 -10.07 -4.59 -8.08
CA CYS A 46 -10.15 -5.61 -9.08
C CYS A 46 -11.51 -6.30 -8.99
N ALA A 1 -16.18 -5.74 -6.76
CA ALA A 1 -14.91 -5.03 -6.91
C ALA A 1 -13.80 -5.88 -6.35
N LYS A 2 -12.91 -6.29 -7.19
CA LYS A 2 -11.84 -7.16 -6.81
C LYS A 2 -10.75 -6.39 -6.10
N HIS A 3 -10.74 -6.46 -4.79
CA HIS A 3 -9.68 -5.85 -4.01
C HIS A 3 -8.45 -6.71 -4.10
N CYS A 4 -7.43 -6.14 -4.66
CA CYS A 4 -6.20 -6.82 -4.88
C CYS A 4 -5.08 -6.13 -4.14
N GLY A 5 -4.56 -6.79 -3.14
CA GLY A 5 -3.47 -6.25 -2.36
C GLY A 5 -2.16 -6.50 -2.99
N LYS A 6 -1.61 -5.50 -3.62
CA LYS A 6 -0.36 -5.63 -4.28
C LYS A 6 0.77 -5.50 -3.28
N HIS A 7 1.69 -6.42 -3.37
CA HIS A 7 2.90 -6.32 -2.63
C HIS A 7 3.75 -5.34 -3.41
N SER A 8 3.84 -4.13 -2.91
CA SER A 8 4.62 -3.08 -3.52
C SER A 8 6.10 -3.51 -3.52
N LYS A 9 6.95 -2.79 -4.26
CA LYS A 9 8.37 -3.18 -4.43
C LYS A 9 9.12 -3.41 -3.09
N SER A 10 8.55 -2.91 -1.98
CA SER A 10 9.05 -3.14 -0.64
C SER A 10 10.33 -2.37 -0.35
N TRP A 11 10.15 -1.22 0.22
CA TRP A 11 11.22 -0.33 0.59
C TRP A 11 11.20 -0.29 2.09
N ASN A 12 12.07 -1.02 2.73
CA ASN A 12 11.95 -1.19 4.15
C ASN A 12 12.75 -0.20 4.95
N GLY A 13 12.25 1.02 4.97
CA GLY A 13 12.75 1.98 5.87
C GLY A 13 12.02 1.76 7.14
N LYS A 14 10.81 2.22 7.17
CA LYS A 14 9.87 1.91 8.19
C LYS A 14 8.53 1.90 7.51
N CYS A 15 7.76 0.91 7.78
CA CYS A 15 6.46 0.81 7.22
C CYS A 15 5.48 1.63 8.05
N PHE A 16 5.11 2.75 7.51
CA PHE A 16 4.12 3.61 8.11
C PHE A 16 2.84 3.45 7.34
N HIS A 17 1.82 2.88 7.97
CA HIS A 17 0.56 2.62 7.29
C HIS A 17 -0.11 3.91 6.84
N LYS A 18 -0.02 4.93 7.67
CA LYS A 18 -0.63 6.22 7.39
C LYS A 18 0.06 6.88 6.20
N LYS A 19 1.38 6.95 6.27
CA LYS A 19 2.19 7.56 5.21
C LYS A 19 1.98 6.81 3.89
N CYS A 20 2.18 5.52 3.93
CA CYS A 20 2.12 4.68 2.75
C CYS A 20 0.72 4.63 2.16
N ASN A 21 -0.30 4.71 3.01
CA ASN A 21 -1.70 4.70 2.56
C ASN A 21 -1.96 5.86 1.62
N HIS A 22 -1.56 7.04 2.04
CA HIS A 22 -1.78 8.23 1.24
C HIS A 22 -0.78 8.30 0.10
N TRP A 23 0.41 7.72 0.33
CA TRP A 23 1.46 7.62 -0.70
C TRP A 23 0.92 6.83 -1.87
N CYS A 24 0.46 5.62 -1.60
CA CYS A 24 -0.12 4.79 -2.62
C CYS A 24 -1.39 5.38 -3.20
N MET A 25 -2.27 5.89 -2.35
CA MET A 25 -3.55 6.46 -2.78
C MET A 25 -3.35 7.59 -3.81
N GLU A 26 -2.44 8.49 -3.50
CA GLU A 26 -2.20 9.63 -4.35
C GLU A 26 -1.24 9.28 -5.49
N LYS A 27 -0.04 8.87 -5.14
CA LYS A 27 1.02 8.64 -6.10
C LYS A 27 0.78 7.43 -6.99
N GLU A 28 0.37 6.34 -6.41
CA GLU A 28 0.26 5.09 -7.17
C GLU A 28 -1.16 4.90 -7.66
N ASP A 29 -2.03 5.81 -7.22
CA ASP A 29 -3.47 5.76 -7.44
C ASP A 29 -4.02 4.42 -6.98
N ALA A 30 -4.16 4.30 -5.69
CA ALA A 30 -4.62 3.09 -5.08
C ALA A 30 -5.80 3.38 -4.23
N LYS A 31 -6.39 2.34 -3.70
CA LYS A 31 -7.50 2.50 -2.80
C LYS A 31 -6.98 2.75 -1.41
N TYR A 32 -6.27 1.80 -0.88
CA TYR A 32 -5.75 1.94 0.46
C TYR A 32 -4.48 1.17 0.64
N GLY A 33 -3.66 1.63 1.52
CA GLY A 33 -2.43 0.97 1.85
C GLY A 33 -2.48 0.52 3.29
N SER A 34 -2.04 -0.66 3.53
CA SER A 34 -2.04 -1.22 4.86
C SER A 34 -0.67 -1.82 5.14
N CYS A 35 -0.26 -1.81 6.38
CA CYS A 35 1.02 -2.34 6.72
C CYS A 35 0.83 -3.77 7.18
N SER A 36 1.63 -4.66 6.67
CA SER A 36 1.53 -6.03 7.02
C SER A 36 2.90 -6.53 7.44
N HIS A 37 3.08 -6.69 8.76
CA HIS A 37 4.29 -7.25 9.39
C HIS A 37 5.55 -6.34 9.18
N GLY A 38 5.36 -5.20 8.58
CA GLY A 38 6.48 -4.32 8.31
C GLY A 38 6.65 -4.01 6.83
N ASP A 39 5.76 -4.53 6.00
CA ASP A 39 5.73 -4.17 4.59
C ASP A 39 4.42 -3.55 4.27
N CYS A 40 4.42 -2.61 3.38
CA CYS A 40 3.20 -1.95 3.02
C CYS A 40 2.61 -2.59 1.78
N TYR A 41 1.37 -2.93 1.89
CA TYR A 41 0.62 -3.51 0.81
C TYR A 41 -0.42 -2.53 0.36
N CYS A 42 -0.39 -2.20 -0.89
CA CYS A 42 -1.29 -1.25 -1.44
C CYS A 42 -2.35 -1.94 -2.26
N TYR A 43 -3.57 -1.75 -1.87
CA TYR A 43 -4.70 -2.43 -2.46
C TYR A 43 -5.30 -1.62 -3.60
N TYR A 44 -5.43 -2.28 -4.71
CA TYR A 44 -6.00 -1.72 -5.90
C TYR A 44 -7.19 -2.57 -6.28
N HIS A 45 -7.90 -2.20 -7.31
CA HIS A 45 -8.97 -3.02 -7.81
C HIS A 45 -8.52 -3.74 -9.07
N CYS A 46 -8.87 -4.96 -9.19
CA CYS A 46 -8.65 -5.68 -10.41
C CYS A 46 -9.89 -5.55 -11.27
N ALA A 1 -15.35 -8.50 -6.76
CA ALA A 1 -14.69 -7.62 -5.80
C ALA A 1 -13.33 -8.18 -5.43
N LYS A 2 -12.31 -7.72 -6.09
CA LYS A 2 -10.99 -8.23 -5.83
C LYS A 2 -10.04 -7.10 -5.56
N HIS A 3 -9.67 -6.93 -4.33
CA HIS A 3 -8.66 -5.97 -4.01
C HIS A 3 -7.31 -6.54 -4.30
N CYS A 4 -6.50 -5.74 -4.89
CA CYS A 4 -5.20 -6.15 -5.29
C CYS A 4 -4.14 -5.35 -4.59
N GLY A 5 -3.52 -5.96 -3.63
CA GLY A 5 -2.51 -5.32 -2.85
C GLY A 5 -1.20 -5.31 -3.56
N LYS A 6 -0.60 -4.17 -3.61
CA LYS A 6 0.69 -3.99 -4.22
C LYS A 6 1.73 -4.64 -3.37
N HIS A 7 2.43 -5.54 -3.96
CA HIS A 7 3.48 -6.24 -3.30
C HIS A 7 4.70 -5.34 -3.29
N SER A 8 5.33 -5.24 -2.14
CA SER A 8 6.43 -4.36 -1.97
C SER A 8 7.69 -4.85 -2.69
N LYS A 9 7.98 -4.27 -3.85
CA LYS A 9 9.22 -4.56 -4.52
C LYS A 9 10.31 -3.77 -3.83
N SER A 10 9.90 -2.70 -3.19
CA SER A 10 10.75 -1.93 -2.36
C SER A 10 10.75 -2.61 -0.99
N TRP A 11 11.69 -3.53 -0.82
CA TRP A 11 11.82 -4.31 0.40
C TRP A 11 12.30 -3.43 1.53
N ASN A 12 13.28 -2.61 1.23
CA ASN A 12 13.83 -1.72 2.21
C ASN A 12 12.95 -0.49 2.32
N GLY A 13 12.17 -0.44 3.36
CA GLY A 13 11.31 0.65 3.61
C GLY A 13 10.58 0.50 4.91
N LYS A 14 10.63 1.51 5.73
CA LYS A 14 9.95 1.48 6.99
C LYS A 14 8.49 1.74 6.75
N CYS A 15 7.68 0.89 7.24
CA CYS A 15 6.27 0.99 7.00
C CYS A 15 5.60 1.90 8.01
N PHE A 16 4.97 2.91 7.51
CA PHE A 16 4.21 3.84 8.29
C PHE A 16 2.77 3.68 7.82
N HIS A 17 1.84 3.44 8.74
CA HIS A 17 0.43 3.16 8.38
C HIS A 17 -0.24 4.30 7.63
N LYS A 18 -0.33 5.46 8.26
CA LYS A 18 -1.00 6.62 7.69
C LYS A 18 -0.30 7.07 6.42
N LYS A 19 1.01 7.09 6.46
CA LYS A 19 1.81 7.50 5.32
C LYS A 19 1.59 6.52 4.17
N CYS A 20 1.55 5.22 4.46
CA CYS A 20 1.32 4.18 3.44
C CYS A 20 0.00 4.46 2.73
N ASN A 21 -1.03 4.76 3.52
CA ASN A 21 -2.35 5.09 2.99
C ASN A 21 -2.30 6.32 2.08
N HIS A 22 -1.85 7.43 2.63
CA HIS A 22 -1.87 8.71 1.90
C HIS A 22 -0.94 8.72 0.70
N TRP A 23 0.19 8.06 0.81
CA TRP A 23 1.15 7.99 -0.26
C TRP A 23 0.60 7.16 -1.40
N CYS A 24 0.24 5.94 -1.10
CA CYS A 24 -0.24 5.06 -2.13
C CYS A 24 -1.52 5.51 -2.79
N MET A 25 -2.49 5.97 -2.00
CA MET A 25 -3.79 6.40 -2.52
C MET A 25 -3.63 7.54 -3.53
N GLU A 26 -2.65 8.39 -3.30
CA GLU A 26 -2.43 9.51 -4.18
C GLU A 26 -1.40 9.17 -5.27
N LYS A 27 -0.19 8.90 -4.83
CA LYS A 27 0.95 8.75 -5.72
C LYS A 27 0.90 7.43 -6.49
N GLU A 28 0.45 6.36 -5.85
CA GLU A 28 0.46 5.07 -6.51
C GLU A 28 -0.88 4.82 -7.20
N ASP A 29 -1.81 5.74 -7.00
CA ASP A 29 -3.19 5.67 -7.54
C ASP A 29 -3.95 4.49 -6.93
N ALA A 30 -3.47 4.05 -5.79
CA ALA A 30 -4.10 2.97 -5.08
C ALA A 30 -5.36 3.47 -4.42
N LYS A 31 -6.20 2.56 -4.04
CA LYS A 31 -7.45 2.92 -3.41
C LYS A 31 -7.22 3.22 -1.95
N TYR A 32 -6.47 2.37 -1.30
CA TYR A 32 -6.14 2.56 0.09
C TYR A 32 -4.87 1.83 0.40
N GLY A 33 -4.15 2.27 1.39
CA GLY A 33 -2.94 1.64 1.78
C GLY A 33 -3.00 1.23 3.20
N SER A 34 -2.47 0.09 3.49
CA SER A 34 -2.50 -0.43 4.81
C SER A 34 -1.22 -1.15 5.12
N CYS A 35 -0.76 -1.04 6.32
CA CYS A 35 0.45 -1.67 6.68
C CYS A 35 0.12 -3.07 7.17
N SER A 36 0.48 -4.03 6.38
CA SER A 36 0.18 -5.40 6.64
C SER A 36 1.48 -6.11 6.96
N HIS A 37 1.58 -6.63 8.20
CA HIS A 37 2.76 -7.39 8.72
C HIS A 37 3.98 -6.48 8.87
N GLY A 38 3.79 -5.19 8.71
CA GLY A 38 4.90 -4.27 8.74
C GLY A 38 5.37 -3.95 7.33
N ASP A 39 4.57 -4.30 6.35
CA ASP A 39 4.85 -4.01 4.95
C ASP A 39 3.73 -3.12 4.42
N CYS A 40 4.04 -2.26 3.50
CA CYS A 40 3.07 -1.30 2.98
C CYS A 40 2.29 -1.91 1.82
N TYR A 41 1.07 -2.33 2.09
CA TYR A 41 0.22 -2.90 1.09
C TYR A 41 -0.78 -1.91 0.60
N CYS A 42 -0.61 -1.55 -0.63
CA CYS A 42 -1.42 -0.56 -1.29
C CYS A 42 -2.42 -1.29 -2.16
N TYR A 43 -3.67 -1.18 -1.84
CA TYR A 43 -4.69 -1.94 -2.51
C TYR A 43 -5.35 -1.21 -3.62
N TYR A 44 -5.39 -1.85 -4.73
CA TYR A 44 -6.09 -1.43 -5.89
C TYR A 44 -7.27 -2.36 -5.99
N HIS A 45 -8.05 -2.25 -7.02
CA HIS A 45 -9.13 -3.18 -7.20
C HIS A 45 -9.05 -3.71 -8.61
N CYS A 46 -9.02 -5.01 -8.73
CA CYS A 46 -8.99 -5.66 -10.00
C CYS A 46 -10.40 -6.00 -10.46
N ALA A 1 -16.25 -5.58 -1.79
CA ALA A 1 -15.43 -5.31 -2.98
C ALA A 1 -14.19 -6.14 -2.90
N LYS A 2 -13.71 -6.62 -4.03
CA LYS A 2 -12.48 -7.38 -4.02
C LYS A 2 -11.29 -6.45 -3.96
N HIS A 3 -10.27 -6.86 -3.25
CA HIS A 3 -9.07 -6.06 -3.11
C HIS A 3 -7.98 -6.57 -4.03
N CYS A 4 -7.22 -5.67 -4.57
CA CYS A 4 -6.12 -6.03 -5.40
C CYS A 4 -4.86 -5.54 -4.74
N GLY A 5 -4.29 -6.40 -3.98
CA GLY A 5 -3.14 -6.05 -3.19
C GLY A 5 -1.85 -6.21 -3.93
N LYS A 6 -1.21 -5.11 -4.16
CA LYS A 6 0.08 -5.10 -4.77
C LYS A 6 1.11 -5.01 -3.69
N HIS A 7 2.01 -5.92 -3.72
CA HIS A 7 3.10 -5.95 -2.78
C HIS A 7 4.21 -5.10 -3.37
N SER A 8 4.33 -3.89 -2.89
CA SER A 8 5.37 -3.02 -3.34
C SER A 8 6.68 -3.54 -2.80
N LYS A 9 7.64 -3.74 -3.68
CA LYS A 9 8.93 -4.25 -3.26
C LYS A 9 9.81 -3.13 -2.71
N SER A 10 9.27 -1.94 -2.70
CA SER A 10 9.95 -0.80 -2.17
C SER A 10 9.06 -0.23 -1.05
N TRP A 11 9.61 -0.14 0.13
CA TRP A 11 8.89 0.37 1.28
C TRP A 11 9.12 1.87 1.38
N ASN A 12 8.45 2.53 2.31
CA ASN A 12 8.65 3.97 2.55
C ASN A 12 9.95 4.20 3.33
N GLY A 13 10.36 3.18 3.98
CA GLY A 13 11.54 3.21 4.82
C GLY A 13 11.31 2.31 5.98
N LYS A 14 10.07 2.32 6.41
CA LYS A 14 9.57 1.47 7.42
C LYS A 14 8.11 1.27 7.09
N CYS A 15 7.50 0.22 7.59
CA CYS A 15 6.14 -0.03 7.28
C CYS A 15 5.21 0.67 8.25
N PHE A 16 4.34 1.48 7.71
CA PHE A 16 3.31 2.16 8.44
C PHE A 16 2.07 2.16 7.60
N HIS A 17 0.95 1.92 8.24
CA HIS A 17 -0.34 1.75 7.56
C HIS A 17 -0.70 2.96 6.74
N LYS A 18 -0.91 4.09 7.40
CA LYS A 18 -1.34 5.28 6.70
C LYS A 18 -0.25 5.93 5.89
N LYS A 19 0.99 5.73 6.29
CA LYS A 19 2.11 6.28 5.54
C LYS A 19 2.14 5.66 4.17
N CYS A 20 2.13 4.34 4.11
CA CYS A 20 2.14 3.65 2.84
C CYS A 20 0.78 3.78 2.14
N ASN A 21 -0.28 4.04 2.91
CA ASN A 21 -1.61 4.30 2.37
C ASN A 21 -1.57 5.53 1.48
N HIS A 22 -1.22 6.67 2.08
CA HIS A 22 -1.20 7.92 1.37
C HIS A 22 -0.10 7.93 0.30
N TRP A 23 1.02 7.29 0.62
CA TRP A 23 2.15 7.16 -0.30
C TRP A 23 1.70 6.46 -1.59
N CYS A 24 1.10 5.30 -1.43
CA CYS A 24 0.65 4.54 -2.56
C CYS A 24 -0.53 5.17 -3.26
N MET A 25 -1.44 5.77 -2.52
CA MET A 25 -2.61 6.40 -3.12
C MET A 25 -2.20 7.59 -3.98
N GLU A 26 -1.30 8.39 -3.46
CA GLU A 26 -0.87 9.59 -4.16
C GLU A 26 0.18 9.28 -5.25
N LYS A 27 1.20 8.52 -4.92
CA LYS A 27 2.26 8.29 -5.89
C LYS A 27 1.99 7.09 -6.76
N GLU A 28 1.42 6.04 -6.21
CA GLU A 28 1.29 4.79 -6.94
C GLU A 28 -0.10 4.62 -7.55
N ASP A 29 -0.99 5.58 -7.30
CA ASP A 29 -2.38 5.58 -7.82
C ASP A 29 -3.23 4.47 -7.16
N ALA A 30 -2.74 3.92 -6.07
CA ALA A 30 -3.45 2.89 -5.35
C ALA A 30 -4.67 3.47 -4.67
N LYS A 31 -5.57 2.64 -4.27
CA LYS A 31 -6.77 3.10 -3.61
C LYS A 31 -6.56 3.22 -2.11
N TYR A 32 -5.93 2.24 -1.54
CA TYR A 32 -5.63 2.26 -0.13
C TYR A 32 -4.48 1.33 0.17
N GLY A 33 -3.59 1.79 0.98
CA GLY A 33 -2.47 0.97 1.39
C GLY A 33 -2.52 0.72 2.86
N SER A 34 -1.84 -0.30 3.31
CA SER A 34 -1.81 -0.62 4.71
C SER A 34 -0.52 -1.40 5.00
N CYS A 35 -0.28 -1.68 6.25
CA CYS A 35 0.87 -2.41 6.67
C CYS A 35 0.39 -3.79 7.04
N SER A 36 1.02 -4.79 6.52
CA SER A 36 0.63 -6.11 6.83
C SER A 36 1.88 -6.94 7.08
N HIS A 37 2.04 -7.37 8.32
CA HIS A 37 3.17 -8.20 8.79
C HIS A 37 4.50 -7.47 8.65
N GLY A 38 4.44 -6.16 8.52
CA GLY A 38 5.63 -5.38 8.40
C GLY A 38 5.94 -4.99 6.98
N ASP A 39 5.04 -5.27 6.07
CA ASP A 39 5.23 -4.88 4.67
C ASP A 39 4.07 -4.04 4.20
N CYS A 40 4.35 -3.10 3.34
CA CYS A 40 3.34 -2.21 2.84
C CYS A 40 2.64 -2.80 1.63
N TYR A 41 1.37 -3.05 1.80
CA TYR A 41 0.55 -3.56 0.74
C TYR A 41 -0.33 -2.46 0.25
N CYS A 42 -0.31 -2.24 -1.02
CA CYS A 42 -1.07 -1.17 -1.61
C CYS A 42 -2.13 -1.75 -2.51
N TYR A 43 -3.36 -1.51 -2.16
CA TYR A 43 -4.48 -2.11 -2.82
C TYR A 43 -5.06 -1.22 -3.89
N TYR A 44 -5.27 -1.82 -5.00
CA TYR A 44 -5.93 -1.25 -6.13
C TYR A 44 -7.21 -2.06 -6.31
N HIS A 45 -7.88 -1.87 -7.40
CA HIS A 45 -9.03 -2.68 -7.70
C HIS A 45 -8.79 -3.29 -9.07
N CYS A 46 -8.68 -4.59 -9.10
CA CYS A 46 -8.40 -5.28 -10.32
C CYS A 46 -9.49 -6.32 -10.52
N ALA A 1 -15.40 -4.06 -2.68
CA ALA A 1 -14.50 -4.13 -3.81
C ALA A 1 -13.50 -5.23 -3.59
N LYS A 2 -13.11 -5.89 -4.65
CA LYS A 2 -12.08 -6.88 -4.60
C LYS A 2 -10.74 -6.20 -4.43
N HIS A 3 -10.20 -6.28 -3.25
CA HIS A 3 -8.92 -5.67 -3.00
C HIS A 3 -7.81 -6.50 -3.58
N CYS A 4 -6.99 -5.86 -4.32
CA CYS A 4 -5.87 -6.47 -4.96
C CYS A 4 -4.63 -5.76 -4.46
N GLY A 5 -3.76 -6.49 -3.82
CA GLY A 5 -2.64 -5.84 -3.18
C GLY A 5 -1.35 -5.98 -3.91
N LYS A 6 -0.72 -4.86 -4.15
CA LYS A 6 0.58 -4.82 -4.74
C LYS A 6 1.60 -5.20 -3.69
N HIS A 7 2.47 -6.08 -4.04
CA HIS A 7 3.50 -6.53 -3.19
C HIS A 7 4.65 -5.54 -3.22
N SER A 8 5.35 -5.47 -2.13
CA SER A 8 6.53 -4.67 -2.02
C SER A 8 7.53 -5.46 -1.20
N LYS A 9 8.59 -5.88 -1.85
CA LYS A 9 9.59 -6.74 -1.25
C LYS A 9 10.44 -5.98 -0.21
N SER A 10 10.65 -4.71 -0.47
CA SER A 10 11.39 -3.86 0.44
C SER A 10 11.07 -2.40 0.11
N TRP A 11 10.16 -1.82 0.85
CA TRP A 11 9.71 -0.48 0.54
C TRP A 11 10.25 0.58 1.51
N ASN A 12 10.21 0.32 2.79
CA ASN A 12 10.62 1.31 3.76
C ASN A 12 11.02 0.61 5.03
N GLY A 13 12.03 1.14 5.69
CA GLY A 13 12.53 0.59 6.92
C GLY A 13 11.48 0.60 8.03
N LYS A 14 10.57 1.54 7.96
CA LYS A 14 9.47 1.60 8.89
C LYS A 14 8.18 1.60 8.10
N CYS A 15 7.25 0.83 8.52
CA CYS A 15 5.98 0.77 7.88
C CYS A 15 4.95 1.56 8.70
N PHE A 16 4.17 2.36 8.02
CA PHE A 16 3.05 3.10 8.58
C PHE A 16 1.88 2.98 7.65
N HIS A 17 0.72 2.59 8.17
CA HIS A 17 -0.46 2.40 7.33
C HIS A 17 -0.93 3.72 6.74
N LYS A 18 -0.86 4.78 7.55
CA LYS A 18 -1.29 6.12 7.14
C LYS A 18 -0.42 6.60 5.98
N LYS A 19 0.89 6.53 6.18
CA LYS A 19 1.85 6.99 5.17
C LYS A 19 1.72 6.15 3.91
N CYS A 20 1.53 4.86 4.09
CA CYS A 20 1.36 3.94 2.99
C CYS A 20 0.12 4.32 2.17
N ASN A 21 -1.00 4.50 2.87
CA ASN A 21 -2.27 4.88 2.25
C ASN A 21 -2.12 6.16 1.43
N HIS A 22 -1.56 7.18 2.06
CA HIS A 22 -1.41 8.47 1.41
C HIS A 22 -0.40 8.45 0.28
N TRP A 23 0.57 7.55 0.35
CA TRP A 23 1.53 7.42 -0.72
C TRP A 23 0.85 6.73 -1.92
N CYS A 24 0.35 5.53 -1.67
CA CYS A 24 -0.27 4.70 -2.70
C CYS A 24 -1.43 5.40 -3.41
N MET A 25 -2.30 6.05 -2.64
CA MET A 25 -3.49 6.70 -3.18
C MET A 25 -3.12 7.92 -4.04
N GLU A 26 -2.17 8.68 -3.56
CA GLU A 26 -1.79 9.92 -4.23
C GLU A 26 -0.89 9.67 -5.45
N LYS A 27 -0.12 8.61 -5.40
CA LYS A 27 0.81 8.34 -6.48
C LYS A 27 0.21 7.40 -7.54
N GLU A 28 -0.29 6.25 -7.14
CA GLU A 28 -0.72 5.24 -8.13
C GLU A 28 -2.21 4.98 -8.12
N ASP A 29 -2.96 5.90 -7.53
CA ASP A 29 -4.44 5.81 -7.48
C ASP A 29 -4.94 4.62 -6.72
N ALA A 30 -4.19 4.17 -5.74
CA ALA A 30 -4.62 3.07 -4.92
C ALA A 30 -5.82 3.48 -4.12
N LYS A 31 -6.67 2.53 -3.82
CA LYS A 31 -7.86 2.81 -3.07
C LYS A 31 -7.52 2.95 -1.61
N TYR A 32 -6.49 2.26 -1.22
CA TYR A 32 -5.92 2.35 0.09
C TYR A 32 -4.60 1.63 0.12
N GLY A 33 -3.86 1.86 1.14
CA GLY A 33 -2.59 1.22 1.32
C GLY A 33 -2.49 0.79 2.74
N SER A 34 -1.95 -0.36 2.96
CA SER A 34 -1.85 -0.87 4.29
C SER A 34 -0.52 -1.57 4.46
N CYS A 35 -0.29 -2.10 5.61
CA CYS A 35 0.96 -2.70 5.90
C CYS A 35 0.81 -4.19 5.81
N SER A 36 1.70 -4.81 5.11
CA SER A 36 1.70 -6.22 4.98
C SER A 36 3.14 -6.61 4.91
N HIS A 37 3.53 -7.57 5.74
CA HIS A 37 4.92 -8.07 5.79
C HIS A 37 5.86 -6.99 6.34
N GLY A 38 5.29 -5.94 6.94
CA GLY A 38 6.08 -4.85 7.43
C GLY A 38 6.42 -3.86 6.34
N ASP A 39 5.69 -3.93 5.26
CA ASP A 39 5.90 -3.04 4.12
C ASP A 39 4.61 -2.46 3.65
N CYS A 40 4.72 -1.49 2.78
CA CYS A 40 3.59 -0.78 2.24
C CYS A 40 3.03 -1.52 1.04
N TYR A 41 1.82 -1.97 1.18
CA TYR A 41 1.14 -2.66 0.14
C TYR A 41 -0.01 -1.80 -0.35
N CYS A 42 0.04 -1.45 -1.60
CA CYS A 42 -0.98 -0.63 -2.20
C CYS A 42 -2.11 -1.51 -2.69
N TYR A 43 -3.31 -1.21 -2.27
CA TYR A 43 -4.45 -2.00 -2.63
C TYR A 43 -5.25 -1.31 -3.70
N TYR A 44 -5.34 -1.97 -4.81
CA TYR A 44 -6.06 -1.52 -5.95
C TYR A 44 -7.27 -2.41 -6.11
N HIS A 45 -8.01 -2.21 -7.15
CA HIS A 45 -9.14 -3.03 -7.43
C HIS A 45 -8.92 -3.66 -8.78
N CYS A 46 -9.19 -4.91 -8.88
CA CYS A 46 -9.04 -5.60 -10.13
C CYS A 46 -10.24 -5.30 -11.03
N ALA A 1 -15.58 -5.86 -2.31
CA ALA A 1 -15.02 -5.15 -3.45
C ALA A 1 -13.83 -5.89 -3.96
N LYS A 2 -13.66 -5.85 -5.27
CA LYS A 2 -12.57 -6.52 -5.92
C LYS A 2 -11.24 -5.82 -5.66
N HIS A 3 -10.53 -6.33 -4.69
CA HIS A 3 -9.26 -5.76 -4.34
C HIS A 3 -8.11 -6.57 -4.87
N CYS A 4 -7.21 -5.88 -5.47
CA CYS A 4 -6.02 -6.44 -6.00
C CYS A 4 -4.84 -5.84 -5.25
N GLY A 5 -4.33 -6.60 -4.31
CA GLY A 5 -3.23 -6.13 -3.51
C GLY A 5 -1.90 -6.43 -4.15
N LYS A 6 -1.15 -5.40 -4.39
CA LYS A 6 0.16 -5.54 -4.94
C LYS A 6 1.09 -5.98 -3.84
N HIS A 7 1.89 -6.95 -4.13
CA HIS A 7 2.77 -7.51 -3.15
C HIS A 7 3.98 -6.60 -2.99
N SER A 8 4.23 -6.19 -1.76
CA SER A 8 5.33 -5.33 -1.41
C SER A 8 6.68 -5.92 -1.83
N LYS A 9 7.50 -5.06 -2.37
CA LYS A 9 8.85 -5.40 -2.76
C LYS A 9 9.79 -4.92 -1.68
N SER A 10 9.20 -4.32 -0.64
CA SER A 10 9.91 -3.68 0.47
C SER A 10 10.70 -2.48 -0.08
N TRP A 11 11.55 -1.89 0.77
CA TRP A 11 12.45 -0.78 0.39
C TRP A 11 11.67 0.43 -0.14
N ASN A 12 10.48 0.60 0.37
CA ASN A 12 9.58 1.70 0.01
C ASN A 12 9.54 2.68 1.20
N GLY A 13 10.66 2.73 1.92
CA GLY A 13 10.73 3.54 3.10
C GLY A 13 10.22 2.74 4.27
N LYS A 14 9.98 3.37 5.37
CA LYS A 14 9.44 2.65 6.48
C LYS A 14 7.94 2.62 6.36
N CYS A 15 7.40 1.48 6.50
CA CYS A 15 6.00 1.31 6.35
C CYS A 15 5.29 1.62 7.64
N PHE A 16 4.39 2.54 7.55
CA PHE A 16 3.51 2.92 8.60
C PHE A 16 2.10 2.75 8.04
N HIS A 17 1.15 2.39 8.86
CA HIS A 17 -0.19 2.01 8.39
C HIS A 17 -0.94 3.09 7.60
N LYS A 18 -1.48 4.08 8.27
CA LYS A 18 -2.29 5.07 7.58
C LYS A 18 -1.40 6.03 6.80
N LYS A 19 -0.13 6.09 7.18
CA LYS A 19 0.82 6.94 6.49
C LYS A 19 1.18 6.37 5.14
N CYS A 20 1.41 5.06 5.05
CA CYS A 20 1.70 4.50 3.76
C CYS A 20 0.42 4.41 2.97
N ASN A 21 -0.71 4.36 3.69
CA ASN A 21 -2.03 4.42 3.07
C ASN A 21 -2.16 5.67 2.20
N HIS A 22 -2.01 6.86 2.81
CA HIS A 22 -2.15 8.10 2.04
C HIS A 22 -1.02 8.25 1.05
N TRP A 23 0.18 7.80 1.46
CA TRP A 23 1.34 7.85 0.59
C TRP A 23 1.08 7.10 -0.69
N CYS A 24 0.76 5.81 -0.59
CA CYS A 24 0.57 4.99 -1.78
C CYS A 24 -0.63 5.46 -2.58
N MET A 25 -1.66 5.92 -1.88
CA MET A 25 -2.89 6.42 -2.50
C MET A 25 -2.58 7.56 -3.47
N GLU A 26 -1.57 8.34 -3.14
CA GLU A 26 -1.14 9.46 -3.95
C GLU A 26 0.06 9.07 -4.85
N LYS A 27 1.01 8.36 -4.27
CA LYS A 27 2.29 8.05 -4.92
C LYS A 27 2.15 7.06 -6.08
N GLU A 28 1.37 6.02 -5.90
CA GLU A 28 1.24 5.02 -6.94
C GLU A 28 -0.19 4.87 -7.36
N ASP A 29 -0.97 5.87 -6.96
CA ASP A 29 -2.42 5.93 -7.18
C ASP A 29 -3.07 4.64 -6.70
N ALA A 30 -3.17 4.49 -5.42
CA ALA A 30 -3.76 3.31 -4.83
C ALA A 30 -5.07 3.67 -4.19
N LYS A 31 -5.87 2.66 -3.89
CA LYS A 31 -7.12 2.88 -3.21
C LYS A 31 -6.80 3.09 -1.74
N TYR A 32 -5.99 2.18 -1.25
CA TYR A 32 -5.53 2.22 0.10
C TYR A 32 -4.29 1.37 0.21
N GLY A 33 -3.49 1.63 1.22
CA GLY A 33 -2.31 0.88 1.45
C GLY A 33 -2.36 0.31 2.83
N SER A 34 -2.17 -0.97 2.94
CA SER A 34 -2.21 -1.61 4.21
C SER A 34 -0.82 -2.06 4.57
N CYS A 35 -0.45 -1.91 5.80
CA CYS A 35 0.86 -2.27 6.21
C CYS A 35 0.78 -3.58 6.95
N SER A 36 1.58 -4.52 6.56
CA SER A 36 1.61 -5.78 7.20
C SER A 36 3.04 -6.16 7.51
N HIS A 37 3.37 -6.16 8.80
CA HIS A 37 4.69 -6.56 9.33
C HIS A 37 5.83 -5.73 8.73
N GLY A 38 5.52 -4.48 8.41
CA GLY A 38 6.53 -3.60 7.88
C GLY A 38 6.50 -3.50 6.37
N ASP A 39 5.59 -4.19 5.73
CA ASP A 39 5.47 -4.11 4.28
C ASP A 39 4.19 -3.46 3.90
N CYS A 40 4.27 -2.56 2.96
CA CYS A 40 3.14 -1.81 2.51
C CYS A 40 2.55 -2.48 1.29
N TYR A 41 1.39 -3.02 1.47
CA TYR A 41 0.68 -3.65 0.42
C TYR A 41 -0.38 -2.70 -0.09
N CYS A 42 -0.19 -2.25 -1.28
CA CYS A 42 -1.10 -1.32 -1.89
C CYS A 42 -2.23 -2.06 -2.58
N TYR A 43 -3.43 -1.66 -2.31
CA TYR A 43 -4.58 -2.29 -2.88
C TYR A 43 -5.18 -1.42 -3.95
N TYR A 44 -5.37 -2.02 -5.08
CA TYR A 44 -5.95 -1.40 -6.23
C TYR A 44 -7.14 -2.25 -6.61
N HIS A 45 -7.92 -1.83 -7.56
CA HIS A 45 -8.97 -2.68 -8.07
C HIS A 45 -8.63 -3.14 -9.48
N CYS A 46 -9.13 -4.28 -9.84
CA CYS A 46 -9.01 -4.75 -11.19
C CYS A 46 -10.39 -4.70 -11.84
N ALA A 1 -14.76 -6.82 -1.87
CA ALA A 1 -14.43 -6.51 -3.24
C ALA A 1 -13.04 -7.02 -3.52
N LYS A 2 -12.72 -7.22 -4.78
CA LYS A 2 -11.43 -7.75 -5.13
C LYS A 2 -10.40 -6.65 -5.18
N HIS A 3 -9.82 -6.38 -4.05
CA HIS A 3 -8.79 -5.41 -3.95
C HIS A 3 -7.47 -6.08 -4.19
N CYS A 4 -6.87 -5.70 -5.25
CA CYS A 4 -5.64 -6.23 -5.69
C CYS A 4 -4.50 -5.55 -4.97
N GLY A 5 -3.88 -6.29 -4.08
CA GLY A 5 -2.79 -5.77 -3.33
C GLY A 5 -1.50 -5.94 -4.05
N LYS A 6 -0.83 -4.86 -4.31
CA LYS A 6 0.44 -4.88 -4.96
C LYS A 6 1.51 -5.11 -3.93
N HIS A 7 2.35 -6.06 -4.23
CA HIS A 7 3.38 -6.53 -3.35
C HIS A 7 4.48 -5.50 -3.18
N SER A 8 5.18 -5.61 -2.10
CA SER A 8 6.22 -4.72 -1.78
C SER A 8 7.54 -5.38 -2.12
N LYS A 9 8.21 -4.84 -3.12
CA LYS A 9 9.48 -5.37 -3.58
C LYS A 9 10.51 -4.26 -3.71
N SER A 10 10.11 -3.03 -3.43
CA SER A 10 11.00 -1.90 -3.50
C SER A 10 10.64 -0.83 -2.46
N TRP A 11 9.86 -1.21 -1.47
CA TRP A 11 9.47 -0.26 -0.45
C TRP A 11 10.05 -0.66 0.88
N ASN A 12 10.80 0.23 1.47
CA ASN A 12 11.50 -0.06 2.72
C ASN A 12 11.24 1.05 3.72
N GLY A 13 11.74 0.89 4.92
CA GLY A 13 11.56 1.85 5.95
C GLY A 13 10.55 1.38 6.94
N LYS A 14 10.12 2.25 7.82
CA LYS A 14 9.12 1.90 8.80
C LYS A 14 7.77 2.03 8.17
N CYS A 15 6.98 1.04 8.33
CA CYS A 15 5.67 1.04 7.78
C CYS A 15 4.70 1.73 8.71
N PHE A 16 4.11 2.78 8.21
CA PHE A 16 3.07 3.48 8.88
C PHE A 16 1.82 3.28 8.07
N HIS A 17 0.75 2.94 8.72
CA HIS A 17 -0.50 2.59 8.06
C HIS A 17 -1.09 3.77 7.27
N LYS A 18 -1.14 4.92 7.90
CA LYS A 18 -1.69 6.11 7.28
C LYS A 18 -0.77 6.60 6.17
N LYS A 19 0.53 6.51 6.41
CA LYS A 19 1.48 6.97 5.41
C LYS A 19 1.52 6.02 4.25
N CYS A 20 1.31 4.74 4.52
CA CYS A 20 1.20 3.73 3.46
C CYS A 20 0.00 4.06 2.59
N ASN A 21 -1.11 4.44 3.23
CA ASN A 21 -2.30 4.86 2.51
C ASN A 21 -1.98 6.05 1.59
N HIS A 22 -1.36 7.09 2.15
CA HIS A 22 -0.99 8.27 1.36
C HIS A 22 0.04 7.96 0.29
N TRP A 23 1.00 7.10 0.62
CA TRP A 23 2.04 6.67 -0.29
C TRP A 23 1.43 6.04 -1.52
N CYS A 24 0.64 5.02 -1.31
CA CYS A 24 -0.02 4.31 -2.39
C CYS A 24 -0.96 5.22 -3.18
N MET A 25 -1.63 6.10 -2.45
CA MET A 25 -2.55 7.08 -3.02
C MET A 25 -1.80 7.99 -3.98
N GLU A 26 -0.63 8.42 -3.58
CA GLU A 26 0.17 9.30 -4.38
C GLU A 26 0.89 8.52 -5.49
N LYS A 27 1.45 7.39 -5.12
CA LYS A 27 2.25 6.55 -6.01
C LYS A 27 1.48 6.12 -7.25
N GLU A 28 0.35 5.45 -7.05
CA GLU A 28 -0.39 4.92 -8.19
C GLU A 28 -1.88 5.13 -8.06
N ASP A 29 -2.28 6.02 -7.17
CA ASP A 29 -3.69 6.28 -6.88
C ASP A 29 -4.38 4.98 -6.46
N ALA A 30 -4.06 4.56 -5.28
CA ALA A 30 -4.61 3.36 -4.72
C ALA A 30 -5.72 3.72 -3.79
N LYS A 31 -6.62 2.80 -3.54
CA LYS A 31 -7.74 3.10 -2.66
C LYS A 31 -7.29 3.17 -1.23
N TYR A 32 -6.35 2.31 -0.89
CA TYR A 32 -5.79 2.29 0.43
C TYR A 32 -4.46 1.56 0.40
N GLY A 33 -3.72 1.72 1.46
CA GLY A 33 -2.48 1.03 1.63
C GLY A 33 -2.52 0.29 2.91
N SER A 34 -2.27 -0.97 2.85
CA SER A 34 -2.35 -1.81 4.01
C SER A 34 -0.95 -2.11 4.49
N CYS A 35 -0.79 -2.18 5.77
CA CYS A 35 0.48 -2.48 6.33
C CYS A 35 0.47 -3.92 6.75
N SER A 36 1.12 -4.75 5.96
CA SER A 36 1.16 -6.16 6.20
C SER A 36 2.52 -6.54 6.73
N HIS A 37 2.54 -6.92 8.01
CA HIS A 37 3.76 -7.40 8.70
C HIS A 37 4.89 -6.39 8.67
N GLY A 38 4.54 -5.13 8.58
CA GLY A 38 5.54 -4.10 8.55
C GLY A 38 5.93 -3.69 7.16
N ASP A 39 5.12 -4.02 6.17
CA ASP A 39 5.35 -3.57 4.80
C ASP A 39 4.15 -2.93 4.22
N CYS A 40 4.38 -2.00 3.34
CA CYS A 40 3.33 -1.25 2.71
C CYS A 40 2.87 -1.98 1.45
N TYR A 41 1.60 -2.26 1.38
CA TYR A 41 0.98 -2.91 0.26
C TYR A 41 -0.12 -2.02 -0.29
N CYS A 42 -0.03 -1.70 -1.55
CA CYS A 42 -0.99 -0.80 -2.19
C CYS A 42 -2.14 -1.57 -2.80
N TYR A 43 -3.37 -1.21 -2.44
CA TYR A 43 -4.53 -1.92 -2.93
C TYR A 43 -5.30 -1.16 -3.98
N TYR A 44 -5.46 -1.80 -5.11
CA TYR A 44 -6.15 -1.26 -6.24
C TYR A 44 -7.32 -2.17 -6.51
N HIS A 45 -8.45 -1.64 -6.75
CA HIS A 45 -9.59 -2.46 -7.06
C HIS A 45 -9.56 -2.76 -8.55
N CYS A 46 -9.37 -4.02 -8.88
CA CYS A 46 -9.31 -4.42 -10.25
C CYS A 46 -10.72 -4.48 -10.84
N ALA A 1 -15.19 -9.14 -1.53
CA ALA A 1 -15.06 -7.93 -2.34
C ALA A 1 -13.75 -7.97 -3.09
N LYS A 2 -13.72 -7.33 -4.25
CA LYS A 2 -12.51 -7.33 -5.05
C LYS A 2 -11.54 -6.22 -4.65
N HIS A 3 -10.60 -6.57 -3.81
CA HIS A 3 -9.52 -5.68 -3.40
C HIS A 3 -8.25 -6.31 -3.91
N CYS A 4 -7.36 -5.54 -4.43
CA CYS A 4 -6.20 -6.12 -5.05
C CYS A 4 -4.92 -5.71 -4.35
N GLY A 5 -4.49 -6.56 -3.47
CA GLY A 5 -3.28 -6.34 -2.74
C GLY A 5 -2.12 -6.93 -3.47
N LYS A 6 -1.33 -6.09 -4.04
CA LYS A 6 -0.19 -6.51 -4.79
C LYS A 6 1.05 -6.39 -3.94
N HIS A 7 2.11 -7.07 -4.33
CA HIS A 7 3.37 -6.89 -3.65
C HIS A 7 3.80 -5.49 -4.03
N SER A 8 4.12 -4.71 -3.08
CA SER A 8 4.34 -3.33 -3.33
C SER A 8 5.79 -3.02 -3.67
N LYS A 9 5.96 -2.20 -4.70
CA LYS A 9 7.28 -1.78 -5.15
C LYS A 9 7.75 -0.65 -4.26
N SER A 10 6.81 -0.06 -3.57
CA SER A 10 7.08 1.01 -2.67
C SER A 10 7.54 0.45 -1.31
N TRP A 11 8.80 0.04 -1.26
CA TRP A 11 9.34 -0.54 -0.04
C TRP A 11 9.55 0.49 1.05
N ASN A 12 9.25 0.08 2.24
CA ASN A 12 9.27 0.93 3.41
C ASN A 12 10.47 0.64 4.27
N GLY A 13 10.95 1.67 4.95
CA GLY A 13 11.99 1.50 5.94
C GLY A 13 11.33 1.10 7.24
N LYS A 14 10.29 1.80 7.57
CA LYS A 14 9.44 1.49 8.67
C LYS A 14 8.02 1.57 8.14
N CYS A 15 7.20 0.64 8.52
CA CYS A 15 5.87 0.57 7.98
C CYS A 15 4.86 1.36 8.78
N PHE A 16 4.43 2.45 8.22
CA PHE A 16 3.35 3.22 8.78
C PHE A 16 2.19 3.08 7.86
N HIS A 17 1.09 2.55 8.35
CA HIS A 17 -0.09 2.31 7.53
C HIS A 17 -0.59 3.60 6.86
N LYS A 18 -0.55 4.70 7.60
CA LYS A 18 -0.96 5.99 7.08
C LYS A 18 -0.06 6.43 5.95
N LYS A 19 1.24 6.32 6.15
CA LYS A 19 2.21 6.73 5.15
C LYS A 19 2.11 5.83 3.92
N CYS A 20 1.94 4.54 4.15
CA CYS A 20 1.76 3.57 3.08
C CYS A 20 0.54 3.95 2.25
N ASN A 21 -0.54 4.27 2.95
CA ASN A 21 -1.79 4.70 2.34
C ASN A 21 -1.59 5.93 1.48
N HIS A 22 -1.16 7.00 2.08
CA HIS A 22 -0.98 8.28 1.39
C HIS A 22 0.01 8.19 0.27
N TRP A 23 1.20 7.68 0.54
CA TRP A 23 2.26 7.62 -0.44
C TRP A 23 1.85 6.78 -1.63
N CYS A 24 1.28 5.62 -1.38
CA CYS A 24 0.95 4.74 -2.48
C CYS A 24 -0.22 5.32 -3.29
N MET A 25 -1.17 5.94 -2.59
CA MET A 25 -2.33 6.57 -3.24
C MET A 25 -1.87 7.72 -4.14
N GLU A 26 -0.98 8.52 -3.59
CA GLU A 26 -0.42 9.68 -4.25
C GLU A 26 0.46 9.28 -5.44
N LYS A 27 1.38 8.39 -5.20
CA LYS A 27 2.36 8.02 -6.19
C LYS A 27 1.89 6.98 -7.19
N GLU A 28 1.48 5.83 -6.70
CA GLU A 28 1.21 4.69 -7.58
C GLU A 28 -0.27 4.58 -7.90
N ASP A 29 -1.03 5.50 -7.34
CA ASP A 29 -2.49 5.51 -7.40
C ASP A 29 -3.08 4.21 -6.89
N ALA A 30 -2.91 4.01 -5.63
CA ALA A 30 -3.50 2.91 -4.96
C ALA A 30 -4.81 3.37 -4.41
N LYS A 31 -5.68 2.44 -4.13
CA LYS A 31 -6.95 2.78 -3.54
C LYS A 31 -6.68 3.14 -2.10
N TYR A 32 -5.80 2.36 -1.50
CA TYR A 32 -5.33 2.55 -0.16
C TYR A 32 -4.11 1.67 0.03
N GLY A 33 -3.37 1.90 1.08
CA GLY A 33 -2.23 1.09 1.40
C GLY A 33 -2.26 0.79 2.87
N SER A 34 -2.04 -0.42 3.23
CA SER A 34 -2.09 -0.81 4.61
C SER A 34 -0.82 -1.53 4.99
N CYS A 35 -0.68 -1.86 6.24
CA CYS A 35 0.50 -2.51 6.69
C CYS A 35 0.18 -3.96 6.94
N SER A 36 1.02 -4.82 6.48
CA SER A 36 0.87 -6.22 6.69
C SER A 36 2.25 -6.82 6.88
N HIS A 37 2.46 -7.45 8.03
CA HIS A 37 3.73 -8.11 8.41
C HIS A 37 4.86 -7.09 8.56
N GLY A 38 4.50 -5.83 8.68
CA GLY A 38 5.49 -4.80 8.78
C GLY A 38 5.89 -4.29 7.41
N ASP A 39 5.14 -4.65 6.41
CA ASP A 39 5.40 -4.21 5.06
C ASP A 39 4.22 -3.45 4.53
N CYS A 40 4.50 -2.47 3.72
CA CYS A 40 3.50 -1.65 3.05
C CYS A 40 2.86 -2.46 1.93
N TYR A 41 1.56 -2.58 1.96
CA TYR A 41 0.83 -3.27 0.95
C TYR A 41 -0.16 -2.36 0.31
N CYS A 42 0.05 -2.12 -0.94
CA CYS A 42 -0.81 -1.30 -1.73
C CYS A 42 -1.95 -2.11 -2.30
N TYR A 43 -3.14 -1.61 -2.12
CA TYR A 43 -4.31 -2.24 -2.63
C TYR A 43 -4.85 -1.42 -3.76
N TYR A 44 -4.88 -2.01 -4.91
CA TYR A 44 -5.32 -1.36 -6.11
C TYR A 44 -6.63 -1.96 -6.56
N HIS A 45 -7.22 -1.37 -7.56
CA HIS A 45 -8.37 -1.95 -8.20
C HIS A 45 -7.94 -2.87 -9.34
N CYS A 46 -8.20 -4.14 -9.20
CA CYS A 46 -7.90 -5.11 -10.22
C CYS A 46 -9.18 -5.82 -10.55
N ALA A 1 -14.53 -5.41 -1.36
CA ALA A 1 -13.65 -4.74 -2.29
C ALA A 1 -12.61 -5.71 -2.75
N LYS A 2 -12.22 -5.60 -4.00
CA LYS A 2 -11.18 -6.44 -4.53
C LYS A 2 -9.85 -5.96 -4.05
N HIS A 3 -9.33 -6.62 -3.03
CA HIS A 3 -8.04 -6.28 -2.45
C HIS A 3 -6.92 -6.72 -3.36
N CYS A 4 -6.70 -5.95 -4.38
CA CYS A 4 -5.65 -6.22 -5.32
C CYS A 4 -4.43 -5.53 -4.82
N GLY A 5 -3.70 -6.22 -4.03
CA GLY A 5 -2.59 -5.65 -3.37
C GLY A 5 -1.30 -5.95 -4.02
N LYS A 6 -0.53 -4.93 -4.23
CA LYS A 6 0.78 -5.10 -4.71
C LYS A 6 1.66 -5.39 -3.55
N HIS A 7 2.50 -6.38 -3.71
CA HIS A 7 3.42 -6.77 -2.69
C HIS A 7 4.48 -5.68 -2.59
N SER A 8 5.10 -5.55 -1.44
CA SER A 8 6.12 -4.56 -1.22
C SER A 8 7.31 -4.79 -2.16
N LYS A 9 7.33 -4.05 -3.26
CA LYS A 9 8.38 -4.15 -4.25
C LYS A 9 9.55 -3.38 -3.69
N SER A 10 9.22 -2.29 -3.08
CA SER A 10 10.15 -1.48 -2.40
C SER A 10 10.22 -1.98 -0.97
N TRP A 11 11.38 -2.41 -0.55
CA TRP A 11 11.56 -2.95 0.78
C TRP A 11 11.74 -1.84 1.79
N ASN A 12 11.86 -0.64 1.30
CA ASN A 12 11.93 0.49 2.16
C ASN A 12 10.59 1.18 2.16
N GLY A 13 9.70 0.61 2.92
CA GLY A 13 8.37 1.13 3.05
C GLY A 13 7.87 0.83 4.41
N LYS A 14 8.19 1.72 5.33
CA LYS A 14 7.92 1.57 6.75
C LYS A 14 6.44 1.27 7.01
N CYS A 15 6.20 0.45 8.01
CA CYS A 15 4.87 -0.01 8.34
C CYS A 15 4.02 1.08 8.99
N PHE A 16 3.20 1.69 8.17
CA PHE A 16 2.24 2.68 8.58
C PHE A 16 0.92 2.28 7.98
N HIS A 17 -0.15 2.91 8.39
CA HIS A 17 -1.41 2.63 7.76
C HIS A 17 -1.85 3.84 6.96
N LYS A 18 -2.08 4.95 7.64
CA LYS A 18 -2.52 6.17 6.99
C LYS A 18 -1.45 6.74 6.08
N LYS A 19 -0.21 6.76 6.55
CA LYS A 19 0.89 7.24 5.73
C LYS A 19 1.12 6.31 4.54
N CYS A 20 0.90 5.03 4.75
CA CYS A 20 1.02 4.02 3.70
C CYS A 20 -0.08 4.24 2.66
N ASN A 21 -1.28 4.53 3.18
CA ASN A 21 -2.43 4.82 2.36
C ASN A 21 -2.17 6.00 1.46
N HIS A 22 -1.70 7.09 2.05
CA HIS A 22 -1.41 8.29 1.27
C HIS A 22 -0.19 8.12 0.39
N TRP A 23 0.73 7.27 0.80
CA TRP A 23 1.92 6.96 0.01
C TRP A 23 1.46 6.35 -1.31
N CYS A 24 0.69 5.28 -1.21
CA CYS A 24 0.17 4.57 -2.36
C CYS A 24 -0.80 5.44 -3.16
N MET A 25 -1.58 6.25 -2.44
CA MET A 25 -2.55 7.18 -3.05
C MET A 25 -1.81 8.17 -3.95
N GLU A 26 -0.68 8.62 -3.49
CA GLU A 26 0.13 9.58 -4.21
C GLU A 26 0.92 8.88 -5.32
N LYS A 27 1.52 7.75 -4.97
CA LYS A 27 2.39 6.99 -5.87
C LYS A 27 1.66 6.53 -7.13
N GLU A 28 0.63 5.74 -6.98
CA GLU A 28 -0.04 5.18 -8.16
C GLU A 28 -1.52 5.39 -8.16
N ASP A 29 -2.03 6.15 -7.21
CA ASP A 29 -3.48 6.34 -7.04
C ASP A 29 -4.10 5.00 -6.69
N ALA A 30 -3.90 4.61 -5.48
CA ALA A 30 -4.39 3.36 -4.98
C ALA A 30 -5.67 3.59 -4.24
N LYS A 31 -6.34 2.53 -3.88
CA LYS A 31 -7.55 2.65 -3.12
C LYS A 31 -7.22 2.84 -1.67
N TYR A 32 -6.29 2.06 -1.20
CA TYR A 32 -5.85 2.13 0.16
C TYR A 32 -4.53 1.44 0.34
N GLY A 33 -3.78 1.90 1.27
CA GLY A 33 -2.54 1.29 1.61
C GLY A 33 -2.70 0.65 2.94
N SER A 34 -2.02 -0.43 3.15
CA SER A 34 -2.10 -1.15 4.39
C SER A 34 -0.77 -1.84 4.65
N CYS A 35 -0.45 -2.01 5.90
CA CYS A 35 0.79 -2.65 6.24
C CYS A 35 0.61 -4.14 6.26
N SER A 36 1.56 -4.84 5.73
CA SER A 36 1.56 -6.25 5.79
C SER A 36 3.01 -6.66 5.96
N HIS A 37 3.27 -7.49 6.97
CA HIS A 37 4.62 -8.02 7.29
C HIS A 37 5.58 -6.91 7.74
N GLY A 38 5.05 -5.73 7.99
CA GLY A 38 5.88 -4.62 8.40
C GLY A 38 6.23 -3.73 7.23
N ASP A 39 5.59 -3.96 6.12
CA ASP A 39 5.86 -3.20 4.90
C ASP A 39 4.58 -2.63 4.34
N CYS A 40 4.72 -1.59 3.58
CA CYS A 40 3.60 -0.88 2.99
C CYS A 40 3.14 -1.55 1.68
N TYR A 41 1.94 -2.10 1.70
CA TYR A 41 1.34 -2.74 0.54
C TYR A 41 0.26 -1.82 -0.03
N CYS A 42 0.26 -1.65 -1.31
CA CYS A 42 -0.70 -0.78 -1.97
C CYS A 42 -1.81 -1.59 -2.59
N TYR A 43 -3.03 -1.33 -2.19
CA TYR A 43 -4.17 -2.05 -2.69
C TYR A 43 -4.94 -1.22 -3.70
N TYR A 44 -5.15 -1.81 -4.83
CA TYR A 44 -5.85 -1.21 -5.94
C TYR A 44 -7.08 -2.03 -6.19
N HIS A 45 -7.95 -1.55 -7.02
CA HIS A 45 -9.12 -2.32 -7.32
C HIS A 45 -8.97 -2.92 -8.71
N CYS A 46 -8.66 -4.18 -8.75
CA CYS A 46 -8.47 -4.88 -9.99
C CYS A 46 -9.71 -5.73 -10.27
N ALA A 1 -15.91 -6.71 -3.49
CA ALA A 1 -14.97 -5.63 -3.76
C ALA A 1 -13.64 -6.19 -4.23
N LYS A 2 -13.09 -5.63 -5.28
CA LYS A 2 -11.84 -6.09 -5.83
C LYS A 2 -10.68 -5.36 -5.19
N HIS A 3 -9.91 -6.06 -4.43
CA HIS A 3 -8.76 -5.50 -3.78
C HIS A 3 -7.52 -6.25 -4.21
N CYS A 4 -6.71 -5.59 -4.97
CA CYS A 4 -5.47 -6.15 -5.39
C CYS A 4 -4.33 -5.60 -4.57
N GLY A 5 -3.99 -6.32 -3.52
CA GLY A 5 -2.91 -5.94 -2.66
C GLY A 5 -1.59 -6.20 -3.32
N LYS A 6 -0.99 -5.15 -3.81
CA LYS A 6 0.25 -5.24 -4.50
C LYS A 6 1.35 -5.40 -3.48
N HIS A 7 2.28 -6.27 -3.79
CA HIS A 7 3.38 -6.56 -2.89
C HIS A 7 4.31 -5.35 -2.82
N SER A 8 4.82 -5.11 -1.64
CA SER A 8 5.70 -4.02 -1.35
C SER A 8 7.00 -4.14 -2.16
N LYS A 9 7.08 -3.38 -3.23
CA LYS A 9 8.28 -3.35 -4.03
C LYS A 9 9.29 -2.47 -3.34
N SER A 10 8.77 -1.47 -2.70
CA SER A 10 9.54 -0.62 -1.88
C SER A 10 9.42 -1.12 -0.42
N TRP A 11 10.26 -2.07 -0.07
CA TRP A 11 10.19 -2.64 1.27
C TRP A 11 11.17 -1.91 2.18
N ASN A 12 12.18 -1.30 1.57
CA ASN A 12 13.18 -0.59 2.32
C ASN A 12 12.62 0.76 2.74
N GLY A 13 12.27 0.83 3.98
CA GLY A 13 11.72 2.00 4.60
C GLY A 13 11.01 1.55 5.83
N LYS A 14 10.39 2.45 6.55
CA LYS A 14 9.66 2.03 7.70
C LYS A 14 8.19 2.04 7.38
N CYS A 15 7.56 0.93 7.62
CA CYS A 15 6.18 0.73 7.28
C CYS A 15 5.24 1.37 8.29
N PHE A 16 4.33 2.17 7.79
CA PHE A 16 3.27 2.78 8.57
C PHE A 16 2.01 2.75 7.74
N HIS A 17 0.89 2.51 8.40
CA HIS A 17 -0.39 2.32 7.74
C HIS A 17 -0.81 3.56 6.93
N LYS A 18 -1.04 4.68 7.62
CA LYS A 18 -1.49 5.92 6.97
C LYS A 18 -0.48 6.40 5.94
N LYS A 19 0.80 6.27 6.29
CA LYS A 19 1.91 6.66 5.43
C LYS A 19 1.78 6.06 4.05
N CYS A 20 1.82 4.75 3.99
CA CYS A 20 1.80 4.06 2.74
C CYS A 20 0.42 4.10 2.11
N ASN A 21 -0.62 4.32 2.93
CA ASN A 21 -1.97 4.46 2.44
C ASN A 21 -2.06 5.70 1.55
N HIS A 22 -1.79 6.85 2.14
CA HIS A 22 -1.91 8.12 1.45
C HIS A 22 -0.88 8.23 0.35
N TRP A 23 0.29 7.63 0.57
CA TRP A 23 1.32 7.56 -0.45
C TRP A 23 0.78 6.86 -1.68
N CYS A 24 0.45 5.59 -1.55
CA CYS A 24 0.00 4.77 -2.67
C CYS A 24 -1.26 5.35 -3.34
N MET A 25 -2.13 5.91 -2.51
CA MET A 25 -3.38 6.52 -2.97
C MET A 25 -3.13 7.63 -3.98
N GLU A 26 -2.09 8.40 -3.75
CA GLU A 26 -1.79 9.51 -4.63
C GLU A 26 -0.75 9.08 -5.69
N LYS A 27 0.23 8.32 -5.24
CA LYS A 27 1.36 7.81 -6.05
C LYS A 27 0.90 7.04 -7.28
N GLU A 28 0.08 6.02 -7.07
CA GLU A 28 -0.34 5.14 -8.15
C GLU A 28 -1.83 4.92 -8.14
N ASP A 29 -2.51 5.78 -7.40
CA ASP A 29 -3.96 5.72 -7.20
C ASP A 29 -4.39 4.39 -6.66
N ALA A 30 -3.96 4.12 -5.47
CA ALA A 30 -4.36 2.93 -4.79
C ALA A 30 -5.62 3.22 -4.04
N LYS A 31 -6.36 2.19 -3.77
CA LYS A 31 -7.58 2.32 -3.00
C LYS A 31 -7.23 2.60 -1.57
N TYR A 32 -6.33 1.79 -1.04
CA TYR A 32 -5.84 1.98 0.28
C TYR A 32 -4.56 1.19 0.49
N GLY A 33 -3.69 1.75 1.27
CA GLY A 33 -2.50 1.07 1.67
C GLY A 33 -2.60 0.67 3.11
N SER A 34 -1.91 -0.35 3.48
CA SER A 34 -1.92 -0.84 4.83
C SER A 34 -0.57 -1.45 5.17
N CYS A 35 -0.32 -1.65 6.44
CA CYS A 35 0.93 -2.20 6.86
C CYS A 35 0.70 -3.64 7.27
N SER A 36 1.20 -4.56 6.50
CA SER A 36 0.99 -5.94 6.76
C SER A 36 2.32 -6.58 7.09
N HIS A 37 2.49 -6.90 8.37
CA HIS A 37 3.68 -7.59 8.91
C HIS A 37 4.95 -6.76 8.73
N GLY A 38 4.79 -5.45 8.63
CA GLY A 38 5.92 -4.60 8.46
C GLY A 38 6.20 -4.27 7.02
N ASP A 39 5.29 -4.65 6.15
CA ASP A 39 5.42 -4.36 4.73
C ASP A 39 4.22 -3.53 4.26
N CYS A 40 4.48 -2.49 3.51
CA CYS A 40 3.42 -1.61 2.99
C CYS A 40 2.75 -2.21 1.78
N TYR A 41 1.59 -2.79 1.98
CA TYR A 41 0.82 -3.35 0.89
C TYR A 41 -0.20 -2.35 0.45
N CYS A 42 -0.30 -2.15 -0.82
CA CYS A 42 -1.22 -1.20 -1.34
C CYS A 42 -2.20 -1.87 -2.26
N TYR A 43 -3.45 -1.69 -1.94
CA TYR A 43 -4.55 -2.35 -2.61
C TYR A 43 -5.07 -1.51 -3.74
N TYR A 44 -4.98 -2.02 -4.94
CA TYR A 44 -5.43 -1.32 -6.13
C TYR A 44 -6.67 -1.96 -6.71
N HIS A 45 -7.26 -1.24 -7.65
CA HIS A 45 -8.38 -1.72 -8.42
C HIS A 45 -7.93 -2.82 -9.40
N CYS A 46 -8.36 -4.02 -9.13
CA CYS A 46 -8.13 -5.14 -10.02
C CYS A 46 -8.82 -4.90 -11.36
N ALA A 1 -14.74 -4.95 -0.29
CA ALA A 1 -14.25 -4.78 -1.64
C ALA A 1 -13.13 -5.77 -1.88
N LYS A 2 -12.78 -5.98 -3.12
CA LYS A 2 -11.73 -6.91 -3.47
C LYS A 2 -10.38 -6.29 -3.21
N HIS A 3 -9.46 -7.11 -2.78
CA HIS A 3 -8.13 -6.69 -2.45
C HIS A 3 -7.17 -7.15 -3.51
N CYS A 4 -6.71 -6.24 -4.29
CA CYS A 4 -5.71 -6.54 -5.28
C CYS A 4 -4.46 -5.80 -4.90
N GLY A 5 -3.62 -6.45 -4.17
CA GLY A 5 -2.46 -5.80 -3.60
C GLY A 5 -1.21 -5.98 -4.39
N LYS A 6 -0.51 -4.91 -4.56
CA LYS A 6 0.75 -4.89 -5.24
C LYS A 6 1.87 -5.05 -4.22
N HIS A 7 2.98 -5.69 -4.64
CA HIS A 7 4.14 -5.91 -3.78
C HIS A 7 4.69 -4.58 -3.27
N SER A 8 5.30 -4.62 -2.13
CA SER A 8 5.80 -3.45 -1.47
C SER A 8 7.26 -3.17 -1.81
N LYS A 9 7.68 -1.95 -1.56
CA LYS A 9 9.08 -1.58 -1.65
C LYS A 9 9.59 -1.24 -0.26
N SER A 10 8.75 -1.46 0.73
CA SER A 10 9.02 -1.09 2.10
C SER A 10 10.01 -2.03 2.82
N TRP A 11 10.68 -2.91 2.07
CA TRP A 11 11.68 -3.75 2.67
C TRP A 11 12.88 -2.89 3.01
N ASN A 12 13.13 -1.90 2.17
CA ASN A 12 14.13 -0.88 2.45
C ASN A 12 13.36 0.35 2.84
N GLY A 13 12.99 0.38 4.06
CA GLY A 13 12.16 1.39 4.61
C GLY A 13 11.32 0.73 5.65
N LYS A 14 10.24 1.32 6.03
CA LYS A 14 9.42 0.71 7.02
C LYS A 14 7.97 0.91 6.65
N CYS A 15 7.12 0.04 7.13
CA CYS A 15 5.72 0.17 6.87
C CYS A 15 5.13 1.26 7.74
N PHE A 16 4.54 2.22 7.10
CA PHE A 16 3.84 3.28 7.76
C PHE A 16 2.47 3.33 7.13
N HIS A 17 1.48 2.80 7.83
CA HIS A 17 0.15 2.58 7.27
C HIS A 17 -0.45 3.83 6.64
N LYS A 18 -0.56 4.91 7.41
CA LYS A 18 -1.18 6.13 6.92
C LYS A 18 -0.38 6.72 5.75
N LYS A 19 0.93 6.77 5.93
CA LYS A 19 1.85 7.32 4.94
C LYS A 19 1.73 6.55 3.62
N CYS A 20 1.89 5.23 3.69
CA CYS A 20 1.83 4.40 2.50
C CYS A 20 0.44 4.42 1.87
N ASN A 21 -0.60 4.45 2.70
CA ASN A 21 -1.98 4.47 2.21
C ASN A 21 -2.22 5.66 1.32
N HIS A 22 -1.86 6.83 1.80
CA HIS A 22 -2.11 8.04 1.05
C HIS A 22 -1.07 8.27 -0.01
N TRP A 23 0.15 7.78 0.20
CA TRP A 23 1.18 7.84 -0.82
C TRP A 23 0.68 7.07 -2.03
N CYS A 24 0.22 5.87 -1.80
CA CYS A 24 -0.32 5.07 -2.84
C CYS A 24 -1.58 5.66 -3.43
N MET A 25 -2.52 6.07 -2.58
CA MET A 25 -3.80 6.61 -3.05
C MET A 25 -3.61 7.85 -3.92
N GLU A 26 -2.66 8.68 -3.54
CA GLU A 26 -2.37 9.91 -4.28
C GLU A 26 -1.42 9.65 -5.46
N LYS A 27 -0.21 9.23 -5.15
CA LYS A 27 0.84 9.13 -6.14
C LYS A 27 0.65 7.93 -7.06
N GLU A 28 0.25 6.82 -6.49
CA GLU A 28 0.22 5.57 -7.24
C GLU A 28 -1.16 5.28 -7.78
N ASP A 29 -2.10 6.15 -7.42
CA ASP A 29 -3.53 6.00 -7.77
C ASP A 29 -4.04 4.63 -7.30
N ALA A 30 -4.17 4.50 -6.00
CA ALA A 30 -4.61 3.26 -5.40
C ALA A 30 -5.89 3.48 -4.66
N LYS A 31 -6.52 2.41 -4.23
CA LYS A 31 -7.74 2.53 -3.47
C LYS A 31 -7.39 2.78 -2.01
N TYR A 32 -6.50 1.95 -1.51
CA TYR A 32 -6.05 2.01 -0.14
C TYR A 32 -4.80 1.16 0.01
N GLY A 33 -3.99 1.49 0.95
CA GLY A 33 -2.82 0.71 1.23
C GLY A 33 -2.84 0.31 2.67
N SER A 34 -2.60 -0.95 2.93
CA SER A 34 -2.67 -1.43 4.27
C SER A 34 -1.34 -2.10 4.62
N CYS A 35 -1.12 -2.37 5.87
CA CYS A 35 0.12 -2.93 6.29
C CYS A 35 -0.05 -4.43 6.43
N SER A 36 0.81 -5.16 5.80
CA SER A 36 0.76 -6.58 5.84
C SER A 36 2.14 -7.10 6.17
N HIS A 37 2.27 -7.68 7.37
CA HIS A 37 3.51 -8.32 7.84
C HIS A 37 4.64 -7.31 8.01
N GLY A 38 4.28 -6.05 8.04
CA GLY A 38 5.27 -5.02 8.18
C GLY A 38 5.65 -4.41 6.86
N ASP A 39 4.84 -4.64 5.85
CA ASP A 39 5.04 -4.03 4.53
C ASP A 39 3.80 -3.33 4.05
N CYS A 40 3.99 -2.32 3.26
CA CYS A 40 2.90 -1.51 2.76
C CYS A 40 2.34 -2.09 1.47
N TYR A 41 1.25 -2.81 1.57
CA TYR A 41 0.62 -3.38 0.41
C TYR A 41 -0.47 -2.48 -0.06
N CYS A 42 -0.29 -1.94 -1.22
CA CYS A 42 -1.23 -1.04 -1.78
C CYS A 42 -2.18 -1.78 -2.67
N TYR A 43 -3.45 -1.64 -2.38
CA TYR A 43 -4.48 -2.34 -3.07
C TYR A 43 -5.11 -1.48 -4.14
N TYR A 44 -5.20 -2.03 -5.30
CA TYR A 44 -5.73 -1.37 -6.45
C TYR A 44 -7.03 -2.00 -6.85
N HIS A 45 -7.65 -1.41 -7.83
CA HIS A 45 -8.88 -1.90 -8.37
C HIS A 45 -8.53 -2.75 -9.58
N CYS A 46 -8.61 -4.03 -9.42
CA CYS A 46 -8.34 -4.93 -10.49
C CYS A 46 -9.64 -5.54 -10.96
N ALA A 1 -16.05 -7.00 -4.64
CA ALA A 1 -14.84 -6.38 -5.18
C ALA A 1 -13.64 -7.09 -4.62
N LYS A 2 -12.53 -7.03 -5.30
CA LYS A 2 -11.32 -7.70 -4.87
C LYS A 2 -10.19 -6.70 -4.68
N HIS A 3 -9.64 -6.68 -3.50
CA HIS A 3 -8.55 -5.78 -3.18
C HIS A 3 -7.22 -6.46 -3.44
N CYS A 4 -6.39 -5.80 -4.17
CA CYS A 4 -5.07 -6.31 -4.47
C CYS A 4 -4.02 -5.30 -4.08
N GLY A 5 -3.22 -5.67 -3.12
CA GLY A 5 -2.14 -4.85 -2.69
C GLY A 5 -0.91 -5.16 -3.46
N LYS A 6 -0.19 -4.14 -3.85
CA LYS A 6 1.05 -4.34 -4.59
C LYS A 6 2.07 -5.10 -3.75
N HIS A 7 2.74 -6.02 -4.37
CA HIS A 7 3.71 -6.84 -3.70
C HIS A 7 4.97 -6.01 -3.50
N SER A 8 5.39 -5.87 -2.25
CA SER A 8 6.53 -5.07 -1.94
C SER A 8 7.85 -5.77 -2.26
N LYS A 9 8.22 -5.72 -3.52
CA LYS A 9 9.50 -6.17 -3.97
C LYS A 9 10.48 -5.07 -3.67
N SER A 10 9.95 -3.86 -3.68
CA SER A 10 10.66 -2.71 -3.23
C SER A 10 10.62 -2.77 -1.71
N TRP A 11 11.77 -2.85 -1.11
CA TRP A 11 11.88 -2.99 0.31
C TRP A 11 11.60 -1.71 1.05
N ASN A 12 10.58 -1.75 1.87
CA ASN A 12 10.26 -0.67 2.77
C ASN A 12 10.70 -1.09 4.13
N GLY A 13 11.52 -0.26 4.76
CA GLY A 13 12.00 -0.57 6.07
C GLY A 13 10.90 -0.53 7.09
N LYS A 14 10.00 0.40 6.91
CA LYS A 14 8.88 0.55 7.79
C LYS A 14 7.61 0.59 7.01
N CYS A 15 6.55 0.61 7.74
CA CYS A 15 5.27 0.78 7.21
C CYS A 15 4.48 1.66 8.12
N PHE A 16 4.03 2.76 7.60
CA PHE A 16 3.17 3.65 8.30
C PHE A 16 1.89 3.72 7.53
N HIS A 17 0.83 3.20 8.11
CA HIS A 17 -0.46 3.08 7.44
C HIS A 17 -0.99 4.40 6.91
N LYS A 18 -0.80 5.47 7.67
CA LYS A 18 -1.24 6.78 7.23
C LYS A 18 -0.43 7.21 6.02
N LYS A 19 0.89 7.06 6.12
CA LYS A 19 1.80 7.44 5.07
C LYS A 19 1.50 6.65 3.81
N CYS A 20 1.37 5.34 3.96
CA CYS A 20 1.05 4.45 2.85
C CYS A 20 -0.25 4.85 2.18
N ASN A 21 -1.24 5.17 2.99
CA ASN A 21 -2.54 5.59 2.51
C ASN A 21 -2.44 6.85 1.68
N HIS A 22 -1.94 7.91 2.29
CA HIS A 22 -1.87 9.21 1.61
C HIS A 22 -0.90 9.22 0.45
N TRP A 23 0.15 8.44 0.55
CA TRP A 23 1.13 8.36 -0.51
C TRP A 23 0.55 7.64 -1.71
N CYS A 24 0.20 6.39 -1.52
CA CYS A 24 -0.26 5.55 -2.60
C CYS A 24 -1.56 6.00 -3.22
N MET A 25 -2.48 6.54 -2.41
CA MET A 25 -3.77 7.01 -2.93
C MET A 25 -3.57 8.13 -3.96
N GLU A 26 -2.59 8.96 -3.72
CA GLU A 26 -2.30 10.04 -4.63
C GLU A 26 -1.34 9.60 -5.71
N LYS A 27 -0.20 9.10 -5.29
CA LYS A 27 0.90 8.77 -6.18
C LYS A 27 0.56 7.69 -7.19
N GLU A 28 -0.06 6.63 -6.76
CA GLU A 28 -0.31 5.53 -7.68
C GLU A 28 -1.79 5.27 -7.84
N ASP A 29 -2.59 6.22 -7.38
CA ASP A 29 -4.05 6.16 -7.43
C ASP A 29 -4.54 4.83 -6.85
N ALA A 30 -4.35 4.70 -5.56
CA ALA A 30 -4.73 3.50 -4.84
C ALA A 30 -5.98 3.77 -4.05
N LYS A 31 -6.59 2.72 -3.55
CA LYS A 31 -7.76 2.86 -2.73
C LYS A 31 -7.34 3.23 -1.34
N TYR A 32 -6.30 2.55 -0.88
CA TYR A 32 -5.72 2.79 0.43
C TYR A 32 -4.40 2.03 0.51
N GLY A 33 -3.59 2.42 1.44
CA GLY A 33 -2.36 1.71 1.70
C GLY A 33 -2.37 1.28 3.13
N SER A 34 -1.92 0.09 3.41
CA SER A 34 -1.97 -0.42 4.74
C SER A 34 -0.74 -1.28 5.01
N CYS A 35 -0.60 -1.71 6.23
CA CYS A 35 0.53 -2.48 6.65
C CYS A 35 0.20 -3.94 6.76
N SER A 36 1.03 -4.76 6.20
CA SER A 36 0.89 -6.17 6.27
C SER A 36 2.29 -6.74 6.28
N HIS A 37 2.58 -7.61 7.24
CA HIS A 37 3.91 -8.26 7.40
C HIS A 37 4.98 -7.26 7.86
N GLY A 38 4.59 -6.01 8.08
CA GLY A 38 5.55 -4.97 8.37
C GLY A 38 5.95 -4.23 7.11
N ASP A 39 5.30 -4.58 6.04
CA ASP A 39 5.53 -3.99 4.74
C ASP A 39 4.37 -3.12 4.37
N CYS A 40 4.63 -2.19 3.49
CA CYS A 40 3.65 -1.26 3.03
C CYS A 40 3.00 -1.78 1.78
N TYR A 41 1.74 -2.13 1.88
CA TYR A 41 0.99 -2.63 0.77
C TYR A 41 -0.04 -1.60 0.34
N CYS A 42 -0.03 -1.29 -0.90
CA CYS A 42 -0.97 -0.34 -1.43
C CYS A 42 -2.01 -1.09 -2.22
N TYR A 43 -3.25 -0.92 -1.84
CA TYR A 43 -4.34 -1.69 -2.37
C TYR A 43 -5.08 -0.99 -3.49
N TYR A 44 -5.23 -1.73 -4.55
CA TYR A 44 -5.95 -1.33 -5.73
C TYR A 44 -7.00 -2.40 -5.95
N HIS A 45 -7.78 -2.27 -6.97
CA HIS A 45 -8.70 -3.33 -7.31
C HIS A 45 -7.99 -4.28 -8.26
N CYS A 46 -8.14 -5.57 -8.03
CA CYS A 46 -7.52 -6.62 -8.84
C CYS A 46 -7.99 -6.54 -10.30
N ALA A 1 -16.34 -5.49 -2.11
CA ALA A 1 -15.40 -4.63 -2.79
C ALA A 1 -14.25 -5.46 -3.32
N LYS A 2 -13.89 -5.26 -4.56
CA LYS A 2 -12.80 -5.99 -5.13
C LYS A 2 -11.53 -5.22 -4.98
N HIS A 3 -10.57 -5.84 -4.38
CA HIS A 3 -9.29 -5.24 -4.14
C HIS A 3 -8.22 -6.28 -4.26
N CYS A 4 -7.19 -5.94 -4.93
CA CYS A 4 -6.07 -6.80 -5.11
C CYS A 4 -4.86 -6.17 -4.47
N GLY A 5 -4.09 -6.98 -3.79
CA GLY A 5 -2.98 -6.47 -3.05
C GLY A 5 -1.70 -6.57 -3.80
N LYS A 6 -0.95 -5.51 -3.79
CA LYS A 6 0.37 -5.47 -4.38
C LYS A 6 1.34 -5.19 -3.26
N HIS A 7 2.41 -5.91 -3.25
CA HIS A 7 3.40 -5.73 -2.24
C HIS A 7 4.40 -4.69 -2.72
N SER A 8 4.77 -3.81 -1.83
CA SER A 8 5.70 -2.76 -2.14
C SER A 8 7.11 -3.33 -2.32
N LYS A 9 7.90 -2.68 -3.15
CA LYS A 9 9.27 -3.09 -3.39
C LYS A 9 10.04 -2.92 -2.08
N SER A 10 9.87 -1.73 -1.50
CA SER A 10 10.47 -1.34 -0.25
C SER A 10 12.00 -1.31 -0.35
N TRP A 11 12.51 -0.18 -0.81
CA TRP A 11 13.94 0.04 -0.93
C TRP A 11 14.51 0.32 0.44
N ASN A 12 13.83 1.18 1.16
CA ASN A 12 14.13 1.49 2.54
C ASN A 12 13.04 2.38 3.07
N GLY A 13 12.06 1.78 3.64
CA GLY A 13 10.95 2.49 4.17
C GLY A 13 10.39 1.74 5.33
N LYS A 14 9.71 2.42 6.21
CA LYS A 14 9.14 1.80 7.35
C LYS A 14 7.64 1.68 7.10
N CYS A 15 7.07 0.56 7.44
CA CYS A 15 5.69 0.32 7.13
C CYS A 15 4.76 0.93 8.15
N PHE A 16 3.95 1.86 7.68
CA PHE A 16 2.93 2.49 8.48
C PHE A 16 1.69 2.56 7.63
N HIS A 17 0.53 2.42 8.23
CA HIS A 17 -0.74 2.48 7.51
C HIS A 17 -0.92 3.80 6.79
N LYS A 18 -0.69 4.89 7.49
CA LYS A 18 -0.82 6.22 6.88
C LYS A 18 0.21 6.41 5.79
N LYS A 19 1.39 5.86 6.00
CA LYS A 19 2.46 5.95 5.03
C LYS A 19 2.05 5.22 3.75
N CYS A 20 1.64 3.98 3.88
CA CYS A 20 1.24 3.17 2.75
C CYS A 20 0.04 3.77 2.04
N ASN A 21 -0.92 4.28 2.81
CA ASN A 21 -2.12 4.85 2.22
C ASN A 21 -1.81 6.13 1.48
N HIS A 22 -1.16 7.08 2.15
CA HIS A 22 -0.84 8.36 1.53
C HIS A 22 0.15 8.21 0.39
N TRP A 23 1.00 7.21 0.45
CA TRP A 23 1.87 6.94 -0.67
C TRP A 23 1.05 6.38 -1.81
N CYS A 24 0.50 5.23 -1.61
CA CYS A 24 -0.15 4.53 -2.68
C CYS A 24 -1.41 5.18 -3.24
N MET A 25 -2.21 5.86 -2.43
CA MET A 25 -3.49 6.36 -2.94
C MET A 25 -3.26 7.68 -3.65
N GLU A 26 -2.33 8.42 -3.15
CA GLU A 26 -2.04 9.71 -3.69
C GLU A 26 -1.01 9.65 -4.82
N LYS A 27 -0.11 8.69 -4.76
CA LYS A 27 0.93 8.53 -5.78
C LYS A 27 0.56 7.46 -6.81
N GLU A 28 0.19 6.28 -6.36
CA GLU A 28 -0.02 5.17 -7.26
C GLU A 28 -1.48 5.13 -7.69
N ASP A 29 -2.26 6.00 -7.05
CA ASP A 29 -3.72 6.10 -7.23
C ASP A 29 -4.38 4.77 -6.88
N ALA A 30 -3.78 4.10 -5.93
CA ALA A 30 -4.29 2.86 -5.42
C ALA A 30 -5.55 3.13 -4.64
N LYS A 31 -6.31 2.11 -4.39
CA LYS A 31 -7.54 2.26 -3.63
C LYS A 31 -7.20 2.69 -2.24
N TYR A 32 -6.21 2.01 -1.67
CA TYR A 32 -5.72 2.30 -0.35
C TYR A 32 -4.47 1.48 -0.09
N GLY A 33 -3.77 1.80 0.96
CA GLY A 33 -2.58 1.08 1.32
C GLY A 33 -2.64 0.71 2.78
N SER A 34 -2.18 -0.45 3.11
CA SER A 34 -2.23 -0.91 4.47
C SER A 34 -0.96 -1.68 4.83
N CYS A 35 -0.77 -1.95 6.08
CA CYS A 35 0.41 -2.64 6.52
C CYS A 35 0.01 -4.05 6.94
N SER A 36 0.74 -5.02 6.47
CA SER A 36 0.46 -6.40 6.77
C SER A 36 1.76 -7.09 7.18
N HIS A 37 1.86 -7.44 8.46
CA HIS A 37 3.05 -8.13 9.04
C HIS A 37 4.27 -7.21 9.04
N GLY A 38 4.04 -5.94 8.94
CA GLY A 38 5.15 -5.01 8.88
C GLY A 38 5.60 -4.76 7.46
N ASP A 39 4.88 -5.34 6.52
CA ASP A 39 5.15 -5.15 5.11
C ASP A 39 4.06 -4.33 4.48
N CYS A 40 4.45 -3.45 3.60
CA CYS A 40 3.53 -2.50 3.01
C CYS A 40 2.80 -3.08 1.80
N TYR A 41 1.50 -3.15 1.90
CA TYR A 41 0.66 -3.68 0.85
C TYR A 41 -0.30 -2.62 0.35
N CYS A 42 -0.28 -2.39 -0.92
CA CYS A 42 -1.12 -1.41 -1.52
C CYS A 42 -2.17 -2.11 -2.34
N TYR A 43 -3.40 -1.74 -2.17
CA TYR A 43 -4.49 -2.40 -2.79
C TYR A 43 -5.01 -1.62 -3.97
N TYR A 44 -5.12 -2.29 -5.07
CA TYR A 44 -5.61 -1.72 -6.30
C TYR A 44 -6.89 -2.41 -6.67
N HIS A 45 -7.69 -1.73 -7.42
CA HIS A 45 -8.90 -2.32 -7.95
C HIS A 45 -8.48 -3.28 -9.06
N CYS A 46 -8.62 -4.58 -8.76
CA CYS A 46 -8.23 -5.72 -9.61
C CYS A 46 -8.41 -5.48 -11.10
N ALA A 1 -15.54 -3.88 -5.89
CA ALA A 1 -14.26 -4.15 -6.49
C ALA A 1 -13.50 -5.11 -5.62
N LYS A 2 -12.63 -5.87 -6.21
CA LYS A 2 -11.83 -6.82 -5.50
C LYS A 2 -10.55 -6.17 -5.05
N HIS A 3 -10.37 -6.04 -3.75
CA HIS A 3 -9.17 -5.44 -3.20
C HIS A 3 -8.00 -6.38 -3.37
N CYS A 4 -6.94 -5.88 -3.93
CA CYS A 4 -5.77 -6.67 -4.16
C CYS A 4 -4.53 -5.98 -3.61
N GLY A 5 -3.90 -6.61 -2.63
CA GLY A 5 -2.71 -6.05 -2.03
C GLY A 5 -1.48 -6.42 -2.79
N LYS A 6 -0.90 -5.47 -3.46
CA LYS A 6 0.26 -5.69 -4.27
C LYS A 6 1.51 -5.74 -3.38
N HIS A 7 2.51 -6.48 -3.82
CA HIS A 7 3.75 -6.62 -3.10
C HIS A 7 4.45 -5.26 -2.99
N SER A 8 5.23 -5.13 -1.97
CA SER A 8 5.88 -3.91 -1.64
C SER A 8 7.15 -3.66 -2.48
N LYS A 9 6.98 -3.33 -3.76
CA LYS A 9 8.12 -2.95 -4.58
C LYS A 9 8.29 -1.43 -4.52
N SER A 10 7.39 -0.81 -3.79
CA SER A 10 7.43 0.60 -3.46
C SER A 10 7.85 0.65 -1.97
N TRP A 11 8.75 -0.30 -1.64
CA TRP A 11 9.25 -0.62 -0.30
C TRP A 11 9.61 0.60 0.53
N ASN A 12 9.27 0.53 1.79
CA ASN A 12 9.58 1.54 2.76
C ASN A 12 9.97 0.79 4.02
N GLY A 13 11.12 1.14 4.60
CA GLY A 13 11.67 0.44 5.77
C GLY A 13 10.68 0.23 6.86
N LYS A 14 10.20 1.30 7.40
CA LYS A 14 9.15 1.24 8.38
C LYS A 14 7.85 1.36 7.66
N CYS A 15 6.94 0.53 7.98
CA CYS A 15 5.67 0.61 7.38
C CYS A 15 4.86 1.64 8.15
N PHE A 16 4.94 2.85 7.68
CA PHE A 16 4.16 3.93 8.22
C PHE A 16 2.76 3.80 7.68
N HIS A 17 1.81 3.55 8.56
CA HIS A 17 0.42 3.24 8.19
C HIS A 17 -0.18 4.32 7.28
N LYS A 18 -0.47 5.46 7.85
CA LYS A 18 -1.15 6.52 7.12
C LYS A 18 -0.25 7.10 6.01
N LYS A 19 1.03 7.18 6.29
CA LYS A 19 2.01 7.74 5.37
C LYS A 19 2.11 6.89 4.10
N CYS A 20 2.27 5.59 4.24
CA CYS A 20 2.40 4.73 3.08
C CYS A 20 1.03 4.58 2.40
N ASN A 21 -0.03 4.67 3.21
CA ASN A 21 -1.40 4.68 2.71
C ASN A 21 -1.57 5.78 1.69
N HIS A 22 -1.26 7.01 2.08
CA HIS A 22 -1.40 8.17 1.21
C HIS A 22 -0.37 8.16 0.10
N TRP A 23 0.79 7.56 0.39
CA TRP A 23 1.84 7.42 -0.61
C TRP A 23 1.30 6.63 -1.79
N CYS A 24 0.88 5.41 -1.53
CA CYS A 24 0.34 4.57 -2.56
C CYS A 24 -0.97 5.09 -3.12
N MET A 25 -1.86 5.58 -2.26
CA MET A 25 -3.17 6.07 -2.69
C MET A 25 -3.06 7.19 -3.73
N GLU A 26 -2.17 8.12 -3.50
CA GLU A 26 -2.02 9.23 -4.39
C GLU A 26 -1.01 8.91 -5.51
N LYS A 27 0.20 8.56 -5.13
CA LYS A 27 1.29 8.38 -6.07
C LYS A 27 1.14 7.11 -6.90
N GLU A 28 0.73 6.02 -6.27
CA GLU A 28 0.72 4.73 -6.94
C GLU A 28 -0.65 4.40 -7.52
N ASP A 29 -1.62 5.30 -7.25
CA ASP A 29 -3.03 5.16 -7.71
C ASP A 29 -3.73 4.02 -6.96
N ALA A 30 -3.20 3.69 -5.80
CA ALA A 30 -3.76 2.65 -4.97
C ALA A 30 -4.96 3.19 -4.25
N LYS A 31 -5.77 2.33 -3.75
CA LYS A 31 -6.94 2.77 -3.04
C LYS A 31 -6.61 2.99 -1.59
N TYR A 32 -5.78 2.14 -1.05
CA TYR A 32 -5.30 2.28 0.30
C TYR A 32 -4.05 1.44 0.48
N GLY A 33 -3.19 1.87 1.35
CA GLY A 33 -2.01 1.12 1.68
C GLY A 33 -2.11 0.66 3.09
N SER A 34 -1.83 -0.58 3.34
CA SER A 34 -1.97 -1.10 4.67
C SER A 34 -0.77 -1.97 5.01
N CYS A 35 -0.37 -1.91 6.24
CA CYS A 35 0.73 -2.69 6.71
C CYS A 35 0.30 -4.12 6.94
N SER A 36 1.04 -5.02 6.39
CA SER A 36 0.78 -6.39 6.53
C SER A 36 2.12 -7.09 6.57
N HIS A 37 2.37 -7.80 7.66
CA HIS A 37 3.61 -8.58 7.89
C HIS A 37 4.83 -7.66 8.07
N GLY A 38 4.56 -6.38 8.26
CA GLY A 38 5.63 -5.41 8.38
C GLY A 38 5.86 -4.68 7.07
N ASP A 39 5.23 -5.16 6.02
CA ASP A 39 5.37 -4.56 4.71
C ASP A 39 4.17 -3.74 4.37
N CYS A 40 4.34 -2.82 3.47
CA CYS A 40 3.26 -1.98 3.04
C CYS A 40 2.62 -2.54 1.80
N TYR A 41 1.45 -3.06 1.96
CA TYR A 41 0.71 -3.60 0.86
C TYR A 41 -0.23 -2.55 0.34
N CYS A 42 -0.01 -2.17 -0.88
CA CYS A 42 -0.81 -1.18 -1.50
C CYS A 42 -1.92 -1.87 -2.28
N TYR A 43 -3.13 -1.60 -1.91
CA TYR A 43 -4.29 -2.27 -2.45
C TYR A 43 -4.87 -1.54 -3.64
N TYR A 44 -5.03 -2.28 -4.69
CA TYR A 44 -5.63 -1.82 -5.92
C TYR A 44 -6.83 -2.70 -6.18
N HIS A 45 -7.54 -2.47 -7.23
CA HIS A 45 -8.66 -3.32 -7.56
C HIS A 45 -8.28 -4.23 -8.72
N CYS A 46 -8.64 -5.48 -8.63
CA CYS A 46 -8.47 -6.38 -9.73
C CYS A 46 -9.74 -6.39 -10.56
N ALA A 1 -15.21 -10.15 -1.77
CA ALA A 1 -14.22 -9.12 -1.55
C ALA A 1 -13.16 -9.21 -2.61
N LYS A 2 -12.61 -8.09 -2.99
CA LYS A 2 -11.57 -8.04 -3.98
C LYS A 2 -10.48 -7.05 -3.56
N HIS A 3 -9.59 -7.48 -2.72
CA HIS A 3 -8.53 -6.64 -2.23
C HIS A 3 -7.23 -7.00 -2.90
N CYS A 4 -6.95 -6.34 -3.97
CA CYS A 4 -5.77 -6.61 -4.77
C CYS A 4 -4.63 -5.67 -4.42
N GLY A 5 -3.60 -6.23 -3.81
CA GLY A 5 -2.49 -5.44 -3.36
C GLY A 5 -1.38 -5.36 -4.37
N LYS A 6 -0.59 -4.32 -4.24
CA LYS A 6 0.56 -4.04 -5.08
C LYS A 6 1.59 -5.13 -4.95
N HIS A 7 2.15 -5.49 -6.05
CA HIS A 7 3.31 -6.33 -6.08
C HIS A 7 4.43 -5.44 -5.58
N SER A 8 4.79 -5.59 -4.34
CA SER A 8 5.65 -4.66 -3.72
C SER A 8 7.12 -5.00 -3.95
N LYS A 9 7.73 -4.18 -4.74
CA LYS A 9 9.13 -4.27 -5.02
C LYS A 9 9.85 -3.27 -4.13
N SER A 10 9.17 -2.19 -3.86
CA SER A 10 9.72 -1.12 -3.10
C SER A 10 9.35 -1.22 -1.61
N TRP A 11 10.30 -1.62 -0.81
CA TRP A 11 10.16 -1.61 0.64
C TRP A 11 11.33 -0.92 1.25
N ASN A 12 11.15 0.33 1.62
CA ASN A 12 12.22 1.10 2.23
C ASN A 12 11.72 1.85 3.44
N GLY A 13 12.07 1.37 4.60
CA GLY A 13 11.69 2.02 5.81
C GLY A 13 10.76 1.18 6.66
N LYS A 14 10.15 1.81 7.63
CA LYS A 14 9.24 1.14 8.50
C LYS A 14 7.83 1.29 7.97
N CYS A 15 6.97 0.34 8.26
CA CYS A 15 5.64 0.37 7.74
C CYS A 15 4.72 1.18 8.66
N PHE A 16 4.24 2.28 8.14
CA PHE A 16 3.31 3.11 8.81
C PHE A 16 2.03 3.14 8.00
N HIS A 17 0.97 2.58 8.57
CA HIS A 17 -0.33 2.40 7.89
C HIS A 17 -0.86 3.66 7.16
N LYS A 18 -0.94 4.77 7.87
CA LYS A 18 -1.47 6.00 7.31
C LYS A 18 -0.52 6.57 6.28
N LYS A 19 0.76 6.47 6.55
CA LYS A 19 1.75 7.02 5.65
C LYS A 19 1.82 6.20 4.38
N CYS A 20 1.60 4.90 4.50
CA CYS A 20 1.47 4.05 3.34
C CYS A 20 0.26 4.43 2.53
N ASN A 21 -0.86 4.72 3.20
CA ASN A 21 -2.08 5.13 2.53
C ASN A 21 -1.83 6.35 1.64
N HIS A 22 -1.18 7.34 2.20
CA HIS A 22 -0.91 8.56 1.46
C HIS A 22 0.17 8.36 0.42
N TRP A 23 1.14 7.50 0.70
CA TRP A 23 2.19 7.20 -0.26
C TRP A 23 1.58 6.53 -1.48
N CYS A 24 0.75 5.54 -1.25
CA CYS A 24 0.08 4.82 -2.30
C CYS A 24 -0.81 5.74 -3.12
N MET A 25 -1.56 6.59 -2.43
CA MET A 25 -2.47 7.54 -3.09
C MET A 25 -1.67 8.50 -3.97
N GLU A 26 -0.62 9.04 -3.40
CA GLU A 26 0.21 10.04 -4.03
C GLU A 26 1.03 9.45 -5.19
N LYS A 27 1.73 8.38 -4.92
CA LYS A 27 2.69 7.85 -5.85
C LYS A 27 2.14 6.80 -6.79
N GLU A 28 1.32 5.91 -6.29
CA GLU A 28 0.93 4.75 -7.07
C GLU A 28 -0.47 4.85 -7.65
N ASP A 29 -1.27 5.79 -7.15
CA ASP A 29 -2.70 5.93 -7.50
C ASP A 29 -3.44 4.66 -7.09
N ALA A 30 -3.81 4.60 -5.84
CA ALA A 30 -4.44 3.43 -5.30
C ALA A 30 -5.74 3.81 -4.65
N LYS A 31 -6.45 2.84 -4.14
CA LYS A 31 -7.68 3.09 -3.42
C LYS A 31 -7.33 3.44 -2.00
N TYR A 32 -6.50 2.62 -1.42
CA TYR A 32 -6.04 2.81 -0.10
C TYR A 32 -4.74 2.08 0.08
N GLY A 33 -3.93 2.57 0.96
CA GLY A 33 -2.72 1.91 1.30
C GLY A 33 -2.82 1.47 2.70
N SER A 34 -2.19 0.41 3.04
CA SER A 34 -2.31 -0.15 4.35
C SER A 34 -1.03 -0.88 4.72
N CYS A 35 -0.98 -1.34 5.93
CA CYS A 35 0.15 -2.07 6.41
C CYS A 35 -0.30 -3.49 6.62
N SER A 36 0.22 -4.36 5.84
CA SER A 36 -0.19 -5.73 5.87
C SER A 36 0.94 -6.59 6.42
N HIS A 37 0.77 -7.02 7.67
CA HIS A 37 1.73 -7.91 8.38
C HIS A 37 3.03 -7.19 8.69
N GLY A 38 3.00 -5.89 8.62
CA GLY A 38 4.19 -5.11 8.85
C GLY A 38 4.86 -4.73 7.57
N ASP A 39 4.24 -5.06 6.47
CA ASP A 39 4.75 -4.71 5.16
C ASP A 39 3.82 -3.74 4.52
N CYS A 40 4.38 -2.74 3.93
CA CYS A 40 3.59 -1.68 3.33
C CYS A 40 2.98 -2.18 2.02
N TYR A 41 1.68 -1.99 1.87
CA TYR A 41 0.96 -2.44 0.68
C TYR A 41 -0.04 -1.42 0.19
N CYS A 42 -0.17 -1.32 -1.11
CA CYS A 42 -1.14 -0.46 -1.75
C CYS A 42 -2.22 -1.34 -2.33
N TYR A 43 -3.46 -0.97 -2.18
CA TYR A 43 -4.55 -1.77 -2.71
C TYR A 43 -5.27 -1.07 -3.83
N TYR A 44 -5.50 -1.81 -4.87
CA TYR A 44 -6.12 -1.29 -6.08
C TYR A 44 -7.35 -2.08 -6.41
N HIS A 45 -7.89 -1.81 -7.57
CA HIS A 45 -8.98 -2.57 -8.11
C HIS A 45 -8.41 -3.83 -8.78
N CYS A 46 -9.15 -4.89 -8.70
CA CYS A 46 -8.81 -6.11 -9.36
C CYS A 46 -9.37 -6.06 -10.77
#